data_7KW2
#
_entry.id   7KW2
#
_cell.length_a   105.501
_cell.length_b   106.059
_cell.length_c   106.763
_cell.angle_alpha   90.000
_cell.angle_beta   90.000
_cell.angle_gamma   90.000
#
_symmetry.space_group_name_H-M   'P 21 21 21'
#
loop_
_entity.id
_entity.type
_entity.pdbx_description
1 polymer 'PCP-C didomain'
2 non-polymer "4'-PHOSPHOPANTETHEINE"
3 water water
#
_entity_poly.entity_id   1
_entity_poly.type   'polypeptide(L)'
_entity_poly.pdbx_seq_one_letter_code
;VTAYEEIVCQVFAAVLDRSDVTADADFFALGGHSLLSLRVVARLRALLGVDVGVRDLFEAPTPAALAARLTTQTGRRPAV
TRRGPDAPPVLSHFQRGLWLIEQVYQTRGAYNVPLAVHVSDRLDLDVLRAAVRDLVARHEVLRTLVRSSDDGPDPVLLAP
EDAAVDVAEVQAAGPVADLLAELTAQPFDLATQIPLRVRMITGEQVDGCVLLLVCHHIAADEWSFAPLLRDLDTAYRARA
AGRAPDWEPLPAQYSDYAATLHDWLGEATDPASPLRRQLDYWQHALQDLPDELDLPTDRPRPATASHRGGLARAELPPEL
VEAVRRLAAQHGVTVFMVVQAAVAVLLHRLGAGDDIPLGSPVADRADEAVHDTVGFFLNTLVLRVNLSGNPTFADLLDRV
RAVDLEAFARADAPFDAVVDTVKPPRAVSRHPLFQTMVSYQRRPSDVDRLFGAATRLVEVPLDTAKFDLEFAFIEDGHGG
AHIALNYAADLFDHDSAEQLVARLRTVLEHACADPCRPVAGVEVVSGA
;
_entity_poly.pdbx_strand_id   A,B
#
# COMPACT_ATOMS: atom_id res chain seq x y z
N VAL A 1 -6.50 -14.41 6.90
CA VAL A 1 -5.14 -14.93 6.79
C VAL A 1 -4.68 -15.54 8.11
N THR A 2 -4.46 -16.85 8.12
CA THR A 2 -3.99 -17.53 9.33
C THR A 2 -2.54 -17.20 9.65
N ALA A 3 -1.77 -16.71 8.67
CA ALA A 3 -0.34 -16.47 8.88
C ALA A 3 -0.08 -15.48 10.01
N TYR A 4 -0.91 -14.44 10.11
CA TYR A 4 -0.77 -13.50 11.22
C TYR A 4 -0.90 -14.21 12.56
N GLU A 5 -1.87 -15.12 12.68
CA GLU A 5 -2.08 -15.84 13.93
C GLU A 5 -0.88 -16.72 14.26
N GLU A 6 -0.27 -17.36 13.25
CA GLU A 6 0.89 -18.21 13.51
C GLU A 6 2.07 -17.40 14.03
N ILE A 7 2.31 -16.23 13.45
CA ILE A 7 3.44 -15.41 13.87
C ILE A 7 3.23 -14.91 15.29
N VAL A 8 2.02 -14.46 15.62
CA VAL A 8 1.75 -14.01 17.00
C VAL A 8 1.97 -15.16 17.98
N CYS A 9 1.47 -16.35 17.65
CA CYS A 9 1.77 -17.54 18.44
C CYS A 9 3.29 -17.74 18.57
N GLN A 10 4.00 -17.66 17.45
CA GLN A 10 5.45 -17.86 17.44
C GLN A 10 6.15 -16.85 18.34
N VAL A 11 5.72 -15.58 18.30
CA VAL A 11 6.33 -14.56 19.15
C VAL A 11 5.97 -14.76 20.61
N PHE A 12 4.68 -15.03 20.90
CA PHE A 12 4.28 -15.38 22.27
C PHE A 12 5.15 -16.49 22.81
N ALA A 13 5.32 -17.55 22.02
CA ALA A 13 6.05 -18.72 22.50
C ALA A 13 7.51 -18.40 22.80
N ALA A 14 8.14 -17.59 21.96
CA ALA A 14 9.54 -17.26 22.17
C ALA A 14 9.72 -16.33 23.36
N VAL A 15 8.86 -15.32 23.47
CA VAL A 15 8.97 -14.35 24.56
C VAL A 15 8.64 -15.00 25.89
N LEU A 16 7.61 -15.85 25.92
CA LEU A 16 7.21 -16.49 27.17
C LEU A 16 8.02 -17.74 27.49
N ASP A 17 8.87 -18.19 26.57
CA ASP A 17 9.56 -19.48 26.68
C ASP A 17 8.55 -20.58 27.01
N ARG A 18 7.52 -20.69 26.17
CA ARG A 18 6.48 -21.68 26.36
C ARG A 18 6.21 -22.37 25.02
N SER A 19 5.92 -23.66 25.06
CA SER A 19 5.60 -24.42 23.86
C SER A 19 4.14 -24.84 23.80
N ASP A 20 3.29 -24.30 24.68
CA ASP A 20 1.88 -24.67 24.74
C ASP A 20 0.97 -23.49 24.39
N VAL A 21 1.41 -22.62 23.49
CA VAL A 21 0.64 -21.44 23.11
C VAL A 21 -0.38 -21.82 22.04
N THR A 22 -1.65 -21.62 22.35
CA THR A 22 -2.74 -21.83 21.41
C THR A 22 -3.42 -20.49 21.10
N ALA A 23 -4.25 -20.50 20.05
CA ALA A 23 -4.76 -19.26 19.49
C ALA A 23 -5.67 -18.49 20.45
N ASP A 24 -6.20 -19.14 21.49
CA ASP A 24 -7.09 -18.47 22.43
CA ASP A 24 -7.10 -18.49 22.44
C ASP A 24 -6.48 -18.35 23.82
N ALA A 25 -5.17 -18.52 23.96
CA ALA A 25 -4.51 -18.40 25.25
C ALA A 25 -4.20 -16.94 25.53
N ASP A 26 -4.54 -16.48 26.74
CA ASP A 26 -4.35 -15.10 27.13
C ASP A 26 -2.88 -14.86 27.48
N PHE A 27 -2.30 -13.81 26.92
CA PHE A 27 -0.88 -13.52 27.12
C PHE A 27 -0.53 -13.42 28.61
N PHE A 28 -1.36 -12.69 29.37
CA PHE A 28 -1.06 -12.46 30.79
C PHE A 28 -1.34 -13.68 31.64
N ALA A 29 -2.42 -14.41 31.34
CA ALA A 29 -2.68 -15.68 32.00
C ALA A 29 -1.56 -16.69 31.77
N LEU A 30 -0.82 -16.56 30.68
CA LEU A 30 0.28 -17.46 30.36
C LEU A 30 1.59 -17.05 31.03
N GLY A 31 1.59 -15.98 31.82
CA GLY A 31 2.79 -15.48 32.44
C GLY A 31 3.33 -14.20 31.86
N GLY A 32 2.62 -13.58 30.92
CA GLY A 32 3.03 -12.29 30.43
C GLY A 32 2.79 -11.18 31.43
N HIS A 33 3.51 -10.07 31.22
CA HIS A 33 3.40 -8.86 32.04
C HIS A 33 3.99 -7.72 31.23
N SER A 34 3.96 -6.51 31.81
CA SER A 34 4.30 -5.31 31.03
C SER A 34 5.69 -5.40 30.41
N LEU A 35 6.67 -5.94 31.15
CA LEU A 35 8.03 -5.99 30.62
C LEU A 35 8.09 -6.83 29.34
N LEU A 36 7.48 -8.01 29.36
CA LEU A 36 7.51 -8.87 28.18
C LEU A 36 6.63 -8.33 27.07
N SER A 37 5.60 -7.55 27.41
CA SER A 37 4.76 -6.98 26.36
C SER A 37 5.56 -6.07 25.45
N LEU A 38 6.62 -5.45 25.97
CA LEU A 38 7.53 -4.67 25.14
C LEU A 38 8.21 -5.55 24.10
N ARG A 39 8.59 -6.77 24.49
CA ARG A 39 9.27 -7.66 23.54
C ARG A 39 8.31 -8.16 22.48
N VAL A 40 7.08 -8.53 22.87
CA VAL A 40 6.08 -8.97 21.90
C VAL A 40 5.87 -7.89 20.83
N VAL A 41 5.67 -6.66 21.26
CA VAL A 41 5.40 -5.56 20.33
C VAL A 41 6.57 -5.35 19.38
N ALA A 42 7.79 -5.31 19.93
CA ALA A 42 8.97 -5.06 19.11
C ALA A 42 9.16 -6.17 18.07
N ARG A 43 9.01 -7.42 18.50
CA ARG A 43 9.14 -8.54 17.57
C ARG A 43 8.06 -8.51 16.49
N LEU A 44 6.81 -8.25 16.87
CA LEU A 44 5.73 -8.20 15.88
C LEU A 44 5.96 -7.09 14.87
N ARG A 45 6.40 -5.91 15.34
CA ARG A 45 6.74 -4.82 14.42
C ARG A 45 7.85 -5.24 13.46
N ALA A 46 8.81 -6.02 13.95
CA ALA A 46 9.94 -6.41 13.11
C ALA A 46 9.53 -7.46 12.09
N LEU A 47 8.65 -8.39 12.49
CA LEU A 47 8.27 -9.49 11.60
C LEU A 47 7.13 -9.11 10.65
N LEU A 48 6.15 -8.34 11.14
CA LEU A 48 4.99 -8.01 10.33
C LEU A 48 5.11 -6.67 9.61
N GLY A 49 6.04 -5.82 10.04
CA GLY A 49 6.23 -4.53 9.38
C GLY A 49 5.05 -3.60 9.51
N VAL A 50 4.22 -3.77 10.53
CA VAL A 50 3.09 -2.87 10.75
C VAL A 50 3.20 -2.29 12.16
N ASP A 51 2.54 -1.15 12.35
CA ASP A 51 2.57 -0.42 13.61
C ASP A 51 1.77 -1.21 14.64
N VAL A 52 2.47 -1.91 15.53
CA VAL A 52 1.85 -2.65 16.62
C VAL A 52 2.19 -1.93 17.91
N GLY A 53 1.24 -1.88 18.86
CA GLY A 53 1.44 -1.18 20.11
C GLY A 53 0.96 -1.98 21.30
N VAL A 54 1.38 -1.54 22.48
CA VAL A 54 0.96 -2.18 23.72
C VAL A 54 -0.56 -2.18 23.83
N ARG A 55 -1.20 -1.09 23.38
CA ARG A 55 -2.66 -1.02 23.42
C ARG A 55 -3.31 -2.20 22.69
N ASP A 56 -2.73 -2.62 21.57
CA ASP A 56 -3.28 -3.75 20.82
C ASP A 56 -3.19 -5.03 21.65
N LEU A 57 -2.03 -5.28 22.27
CA LEU A 57 -1.86 -6.49 23.05
C LEU A 57 -2.76 -6.48 24.29
N PHE A 58 -2.88 -5.33 24.94
CA PHE A 58 -3.75 -5.22 26.11
C PHE A 58 -5.20 -5.49 25.73
N GLU A 59 -5.68 -4.87 24.65
CA GLU A 59 -7.07 -5.04 24.25
C GLU A 59 -7.32 -6.38 23.58
N ALA A 60 -6.31 -6.99 22.97
CA ALA A 60 -6.45 -8.27 22.27
C ALA A 60 -5.35 -9.22 22.73
N PRO A 61 -5.49 -9.80 23.92
CA PRO A 61 -4.38 -10.57 24.52
C PRO A 61 -4.24 -12.00 24.03
N THR A 62 -5.09 -12.48 23.12
CA THR A 62 -4.88 -13.82 22.58
C THR A 62 -4.34 -13.73 21.16
N PRO A 63 -3.61 -14.74 20.70
CA PRO A 63 -3.12 -14.70 19.30
C PRO A 63 -4.22 -14.53 18.27
N ALA A 64 -5.35 -15.21 18.42
CA ALA A 64 -6.45 -15.02 17.48
C ALA A 64 -6.97 -13.59 17.51
N ALA A 65 -7.20 -13.05 18.70
CA ALA A 65 -7.74 -11.69 18.80
C ALA A 65 -6.75 -10.65 18.29
N LEU A 66 -5.47 -10.80 18.64
CA LEU A 66 -4.47 -9.81 18.21
C LEU A 66 -4.25 -9.86 16.71
N ALA A 67 -4.21 -11.07 16.13
CA ALA A 67 -4.08 -11.17 14.68
C ALA A 67 -5.25 -10.50 13.96
N ALA A 68 -6.47 -10.71 14.47
CA ALA A 68 -7.64 -10.06 13.89
C ALA A 68 -7.53 -8.54 13.99
N ARG A 69 -6.96 -8.06 15.09
CA ARG A 69 -6.86 -6.62 15.32
C ARG A 69 -5.84 -5.98 14.38
N LEU A 70 -4.66 -6.56 14.29
CA LEU A 70 -3.60 -6.00 13.44
C LEU A 70 -4.04 -5.93 11.98
N THR A 71 -4.97 -6.81 11.59
CA THR A 71 -5.52 -6.84 10.23
C THR A 71 -6.57 -5.76 10.07
N THR A 72 -7.63 -5.84 10.87
CA THR A 72 -8.72 -4.87 10.91
C THR A 72 -8.24 -3.49 11.37
N ARG A 77 -13.06 -3.14 8.37
CA ARG A 77 -13.94 -4.23 7.96
C ARG A 77 -14.89 -4.65 9.08
N PRO A 78 -16.18 -4.71 8.78
CA PRO A 78 -17.18 -4.95 9.82
C PRO A 78 -17.22 -6.40 10.28
N ALA A 79 -17.60 -6.58 11.55
CA ALA A 79 -17.78 -7.91 12.11
C ALA A 79 -18.97 -8.61 11.45
N VAL A 80 -18.91 -9.94 11.42
CA VAL A 80 -20.02 -10.72 10.89
C VAL A 80 -21.18 -10.67 11.88
N THR A 81 -22.38 -10.41 11.36
CA THR A 81 -23.58 -10.37 12.17
C THR A 81 -24.62 -11.32 11.61
N ARG A 82 -25.37 -11.96 12.51
CA ARG A 82 -26.50 -12.79 12.09
C ARG A 82 -27.57 -11.92 11.45
N ARG A 83 -28.10 -12.39 10.33
CA ARG A 83 -29.15 -11.64 9.64
C ARG A 83 -30.56 -12.03 10.09
N GLY A 84 -30.72 -13.12 10.82
CA GLY A 84 -32.00 -13.46 11.40
C GLY A 84 -32.86 -14.33 10.51
N PRO A 85 -34.04 -14.72 11.03
CA PRO A 85 -34.86 -15.73 10.34
C PRO A 85 -35.34 -15.27 8.97
N ASP A 86 -35.37 -16.21 8.03
CA ASP A 86 -35.80 -16.00 6.64
C ASP A 86 -34.92 -14.98 5.89
N ALA A 87 -33.71 -14.74 6.36
CA ALA A 87 -32.75 -14.04 5.52
C ALA A 87 -32.37 -14.97 4.37
N PRO A 88 -32.37 -14.51 3.12
CA PRO A 88 -32.16 -15.43 2.01
C PRO A 88 -30.71 -15.88 1.94
N PRO A 89 -30.44 -17.05 1.38
CA PRO A 89 -29.05 -17.51 1.27
C PRO A 89 -28.23 -16.61 0.36
N VAL A 90 -26.93 -16.55 0.63
CA VAL A 90 -25.99 -15.74 -0.14
C VAL A 90 -24.83 -16.65 -0.53
N LEU A 91 -24.61 -16.81 -1.83
CA LEU A 91 -23.45 -17.55 -2.32
C LEU A 91 -22.24 -16.62 -2.30
N SER A 92 -21.19 -17.03 -1.58
CA SER A 92 -20.00 -16.19 -1.51
C SER A 92 -19.24 -16.23 -2.84
N HIS A 93 -18.40 -15.21 -3.05
CA HIS A 93 -17.57 -15.14 -4.25
C HIS A 93 -16.57 -16.30 -4.29
N PHE A 94 -16.18 -16.82 -3.13
CA PHE A 94 -15.29 -17.99 -3.12
C PHE A 94 -16.02 -19.22 -3.60
N GLN A 95 -17.27 -19.40 -3.15
CA GLN A 95 -18.10 -20.47 -3.66
C GLN A 95 -18.33 -20.32 -5.17
N ARG A 96 -18.53 -19.08 -5.64
CA ARG A 96 -18.73 -18.83 -7.06
C ARG A 96 -17.56 -19.33 -7.89
N GLY A 97 -16.33 -19.07 -7.44
CA GLY A 97 -15.16 -19.53 -8.17
C GLY A 97 -15.04 -21.05 -8.22
N LEU A 98 -15.40 -21.73 -7.13
CA LEU A 98 -15.38 -23.20 -7.14
C LEU A 98 -16.41 -23.77 -8.10
N TRP A 99 -17.64 -23.25 -8.05
CA TRP A 99 -18.66 -23.72 -8.97
C TRP A 99 -18.22 -23.54 -10.41
N LEU A 100 -17.36 -22.55 -10.65
CA LEU A 100 -17.03 -22.07 -11.98
C LEU A 100 -15.83 -22.79 -12.60
N ILE A 101 -14.75 -23.02 -11.84
CA ILE A 101 -13.72 -23.96 -12.26
C ILE A 101 -14.35 -25.28 -12.69
N GLU A 102 -15.33 -25.76 -11.94
CA GLU A 102 -15.90 -27.08 -12.20
C GLU A 102 -16.84 -27.06 -13.41
N GLN A 103 -17.56 -25.95 -13.63
CA GLN A 103 -18.39 -25.84 -14.83
C GLN A 103 -17.55 -25.58 -16.07
N VAL A 104 -16.53 -24.74 -15.95
CA VAL A 104 -15.79 -24.31 -17.13
C VAL A 104 -14.74 -25.33 -17.52
N TYR A 105 -13.92 -25.77 -16.56
CA TYR A 105 -12.82 -26.68 -16.85
C TYR A 105 -13.19 -28.14 -16.63
N GLN A 106 -14.41 -28.44 -16.20
CA GLN A 106 -14.93 -29.80 -16.11
C GLN A 106 -13.96 -30.72 -15.34
N THR A 107 -13.89 -30.43 -14.05
CA THR A 107 -12.93 -31.04 -13.14
C THR A 107 -13.42 -32.34 -12.53
N ARG A 108 -14.57 -32.85 -12.97
CA ARG A 108 -15.12 -34.14 -12.49
C ARG A 108 -15.27 -34.04 -10.98
N GLY A 109 -14.69 -34.95 -10.19
CA GLY A 109 -14.81 -34.86 -8.74
C GLY A 109 -13.53 -34.42 -8.08
N ALA A 110 -12.68 -33.68 -8.80
CA ALA A 110 -11.39 -33.29 -8.26
C ALA A 110 -11.51 -32.32 -7.10
N TYR A 111 -12.61 -31.57 -7.01
CA TYR A 111 -12.80 -30.61 -5.94
C TYR A 111 -13.65 -31.17 -4.81
N ASN A 112 -13.84 -32.48 -4.77
CA ASN A 112 -14.40 -33.13 -3.61
C ASN A 112 -13.32 -33.25 -2.55
N VAL A 113 -13.67 -32.96 -1.31
CA VAL A 113 -12.72 -33.03 -0.21
C VAL A 113 -13.13 -34.18 0.70
N PRO A 114 -12.23 -35.12 0.99
CA PRO A 114 -12.57 -36.26 1.85
C PRO A 114 -12.17 -36.04 3.30
N LEU A 115 -12.92 -36.66 4.21
CA LEU A 115 -12.54 -36.71 5.62
C LEU A 115 -12.82 -38.13 6.08
N ALA A 116 -11.76 -38.90 6.33
CA ALA A 116 -11.89 -40.32 6.63
C ALA A 116 -11.35 -40.61 8.02
N VAL A 117 -12.12 -41.39 8.77
CA VAL A 117 -11.85 -41.69 10.17
C VAL A 117 -11.99 -43.19 10.35
N HIS A 118 -10.92 -43.87 10.74
CA HIS A 118 -11.02 -45.27 11.12
C HIS A 118 -11.63 -45.34 12.52
N VAL A 119 -12.61 -46.22 12.70
CA VAL A 119 -13.31 -46.37 13.97
C VAL A 119 -13.19 -47.82 14.41
N SER A 120 -12.82 -48.04 15.67
CA SER A 120 -12.64 -49.39 16.18
C SER A 120 -13.95 -50.16 16.25
N ASP A 121 -15.07 -49.46 16.33
CA ASP A 121 -16.39 -50.06 16.30
C ASP A 121 -17.01 -49.85 14.93
N ARG A 122 -17.83 -50.81 14.52
CA ARG A 122 -18.76 -50.54 13.43
C ARG A 122 -19.87 -49.64 13.99
N LEU A 123 -20.13 -48.54 13.31
CA LEU A 123 -21.16 -47.63 13.79
C LEU A 123 -22.55 -48.13 13.40
N ASP A 124 -23.54 -47.66 14.15
CA ASP A 124 -24.94 -47.93 13.84
C ASP A 124 -25.38 -47.02 12.71
N LEU A 125 -25.84 -47.62 11.61
CA LEU A 125 -26.17 -46.85 10.42
C LEU A 125 -27.37 -45.93 10.67
N ASP A 126 -28.38 -46.41 11.41
CA ASP A 126 -29.54 -45.57 11.64
C ASP A 126 -29.23 -44.42 12.59
N VAL A 127 -28.36 -44.65 13.57
CA VAL A 127 -27.93 -43.56 14.44
C VAL A 127 -27.08 -42.56 13.66
N LEU A 128 -26.14 -43.06 12.85
CA LEU A 128 -25.32 -42.20 12.02
C LEU A 128 -26.16 -41.33 11.10
N ARG A 129 -27.18 -41.92 10.47
CA ARG A 129 -28.06 -41.15 9.60
C ARG A 129 -28.76 -40.03 10.36
N ALA A 130 -29.26 -40.34 11.57
CA ALA A 130 -29.87 -39.30 12.40
C ALA A 130 -28.87 -38.20 12.75
N ALA A 131 -27.63 -38.58 13.06
CA ALA A 131 -26.62 -37.59 13.41
C ALA A 131 -26.25 -36.71 12.22
N VAL A 132 -26.15 -37.30 11.03
CA VAL A 132 -25.87 -36.49 9.84
C VAL A 132 -27.01 -35.50 9.59
N ARG A 133 -28.25 -35.93 9.79
CA ARG A 133 -29.38 -35.03 9.67
CA ARG A 133 -29.38 -35.03 9.67
C ARG A 133 -29.25 -33.86 10.63
N ASP A 134 -28.90 -34.14 11.89
CA ASP A 134 -28.67 -33.06 12.85
C ASP A 134 -27.56 -32.14 12.39
N LEU A 135 -26.45 -32.71 11.90
CA LEU A 135 -25.32 -31.93 11.41
C LEU A 135 -25.76 -30.97 10.32
N VAL A 136 -26.55 -31.47 9.37
CA VAL A 136 -27.01 -30.66 8.24
C VAL A 136 -28.04 -29.64 8.70
N ALA A 137 -28.89 -29.99 9.66
CA ALA A 137 -29.79 -29.01 10.25
C ALA A 137 -29.02 -27.83 10.83
N ARG A 138 -27.89 -28.12 11.50
CA ARG A 138 -27.11 -27.09 12.18
C ARG A 138 -26.44 -26.13 11.20
N HIS A 139 -25.82 -26.66 10.13
CA HIS A 139 -25.02 -25.87 9.21
C HIS A 139 -25.77 -25.71 7.88
N GLU A 140 -26.32 -24.52 7.67
CA GLU A 140 -27.07 -24.26 6.44
C GLU A 140 -26.24 -24.53 5.20
N VAL A 141 -24.93 -24.27 5.25
CA VAL A 141 -24.09 -24.44 4.06
C VAL A 141 -24.11 -25.89 3.59
N LEU A 142 -24.34 -26.83 4.51
CA LEU A 142 -24.37 -28.25 4.19
C LEU A 142 -25.67 -28.69 3.53
N ARG A 143 -26.69 -27.82 3.47
CA ARG A 143 -27.94 -28.11 2.81
C ARG A 143 -28.35 -26.97 1.88
N THR A 144 -27.36 -26.31 1.28
CA THR A 144 -27.58 -25.26 0.30
C THR A 144 -27.20 -25.82 -1.07
N LEU A 145 -28.20 -25.96 -1.94
CA LEU A 145 -27.93 -26.35 -3.32
C LEU A 145 -27.46 -25.14 -4.11
N VAL A 146 -26.81 -25.42 -5.23
CA VAL A 146 -26.38 -24.38 -6.16
C VAL A 146 -26.97 -24.71 -7.52
N ARG A 147 -27.77 -23.79 -8.06
CA ARG A 147 -28.45 -24.00 -9.33
C ARG A 147 -27.97 -22.99 -10.35
N SER A 148 -27.89 -23.45 -11.60
CA SER A 148 -27.47 -22.58 -12.69
C SER A 148 -28.64 -21.76 -13.20
N SER A 149 -28.43 -20.45 -13.30
CA SER A 149 -29.32 -19.55 -14.02
C SER A 149 -28.57 -19.03 -15.24
N ASP A 150 -29.15 -18.01 -15.89
CA ASP A 150 -28.44 -17.27 -16.93
C ASP A 150 -27.98 -15.91 -16.42
N ASP A 151 -27.81 -15.81 -15.10
CA ASP A 151 -27.07 -14.73 -14.47
C ASP A 151 -25.85 -15.23 -13.72
N GLY A 152 -25.65 -16.55 -13.63
CA GLY A 152 -24.69 -17.12 -12.73
C GLY A 152 -25.39 -18.12 -11.82
N PRO A 153 -24.66 -18.69 -10.86
CA PRO A 153 -25.27 -19.66 -9.96
C PRO A 153 -26.06 -19.00 -8.84
N ASP A 154 -27.19 -19.64 -8.47
CA ASP A 154 -28.07 -19.21 -7.39
C ASP A 154 -28.08 -20.25 -6.27
N PRO A 155 -27.97 -19.82 -5.02
CA PRO A 155 -28.11 -20.76 -3.91
C PRO A 155 -29.58 -21.06 -3.65
N VAL A 156 -29.83 -22.28 -3.18
CA VAL A 156 -31.16 -22.72 -2.79
C VAL A 156 -31.04 -23.41 -1.44
N LEU A 157 -31.49 -22.75 -0.38
CA LEU A 157 -31.39 -23.32 0.95
C LEU A 157 -32.57 -24.26 1.19
N LEU A 158 -32.26 -25.52 1.46
CA LEU A 158 -33.29 -26.49 1.80
C LEU A 158 -33.59 -26.44 3.28
N ALA A 159 -34.88 -26.52 3.61
CA ALA A 159 -35.28 -26.67 5.00
C ALA A 159 -34.78 -28.02 5.52
N PRO A 160 -34.51 -28.14 6.82
CA PRO A 160 -33.94 -29.40 7.33
C PRO A 160 -34.78 -30.62 7.02
N GLU A 161 -36.11 -30.47 7.00
CA GLU A 161 -36.99 -31.57 6.68
C GLU A 161 -37.01 -31.91 5.19
N ASP A 162 -36.52 -31.02 4.34
CA ASP A 162 -36.43 -31.27 2.91
C ASP A 162 -35.04 -31.71 2.46
N ALA A 163 -34.04 -31.64 3.34
CA ALA A 163 -32.70 -32.09 2.99
C ALA A 163 -32.65 -33.61 3.09
N ALA A 164 -32.53 -34.27 1.95
CA ALA A 164 -32.40 -35.72 1.91
C ALA A 164 -30.92 -36.06 2.04
N VAL A 165 -30.53 -36.58 3.20
CA VAL A 165 -29.13 -36.89 3.45
C VAL A 165 -28.79 -38.24 2.83
N ASP A 166 -27.55 -38.37 2.37
CA ASP A 166 -27.08 -39.58 1.69
C ASP A 166 -26.05 -40.26 2.58
N VAL A 167 -26.50 -41.27 3.32
CA VAL A 167 -25.67 -42.03 4.25
C VAL A 167 -25.84 -43.49 3.89
N ALA A 168 -24.72 -44.19 3.68
CA ALA A 168 -24.81 -45.58 3.23
C ALA A 168 -23.60 -46.37 3.72
N GLU A 169 -23.80 -47.68 3.83
CA GLU A 169 -22.72 -48.62 4.08
C GLU A 169 -22.17 -49.15 2.76
N VAL A 170 -20.86 -49.40 2.75
CA VAL A 170 -20.15 -49.90 1.57
C VAL A 170 -19.22 -51.01 2.03
N GLN A 171 -19.43 -52.23 1.51
CA GLN A 171 -18.51 -53.33 1.80
C GLN A 171 -17.25 -53.21 0.97
N ALA A 172 -16.10 -53.23 1.64
CA ALA A 172 -14.82 -53.16 0.94
C ALA A 172 -14.54 -54.49 0.25
N ALA A 173 -14.17 -54.43 -1.02
CA ALA A 173 -13.80 -55.61 -1.80
C ALA A 173 -12.29 -55.80 -1.89
N GLY A 174 -11.53 -54.71 -2.02
CA GLY A 174 -10.09 -54.79 -2.09
C GLY A 174 -9.44 -53.86 -1.09
N PRO A 175 -8.29 -53.29 -1.47
CA PRO A 175 -7.61 -52.35 -0.56
C PRO A 175 -8.49 -51.15 -0.25
N VAL A 176 -8.63 -50.86 1.05
CA VAL A 176 -9.59 -49.84 1.47
C VAL A 176 -9.15 -48.46 0.98
N ALA A 177 -7.85 -48.18 0.98
CA ALA A 177 -7.38 -46.85 0.60
C ALA A 177 -7.77 -46.52 -0.84
N ASP A 178 -7.71 -47.50 -1.74
CA ASP A 178 -8.17 -47.28 -3.11
C ASP A 178 -9.67 -47.01 -3.15
N LEU A 179 -10.43 -47.74 -2.33
CA LEU A 179 -11.88 -47.54 -2.32
C LEU A 179 -12.24 -46.14 -1.81
N LEU A 180 -11.54 -45.67 -0.77
CA LEU A 180 -11.78 -44.31 -0.29
C LEU A 180 -11.55 -43.28 -1.38
N ALA A 181 -10.49 -43.47 -2.17
CA ALA A 181 -10.21 -42.57 -3.29
C ALA A 181 -11.32 -42.62 -4.34
N GLU A 182 -11.82 -43.82 -4.65
CA GLU A 182 -12.88 -43.92 -5.66
C GLU A 182 -14.19 -43.29 -5.17
N LEU A 183 -14.54 -43.52 -3.89
CA LEU A 183 -15.74 -42.92 -3.32
C LEU A 183 -15.62 -41.39 -3.29
N THR A 184 -14.42 -40.89 -2.99
CA THR A 184 -14.20 -39.45 -2.92
C THR A 184 -14.36 -38.80 -4.28
N ALA A 185 -14.00 -39.50 -5.35
CA ALA A 185 -13.99 -38.93 -6.69
C ALA A 185 -15.36 -38.85 -7.35
N GLN A 186 -16.39 -39.51 -6.81
CA GLN A 186 -17.72 -39.50 -7.44
C GLN A 186 -18.29 -38.09 -7.43
N PRO A 187 -18.68 -37.54 -8.59
CA PRO A 187 -19.08 -36.13 -8.63
C PRO A 187 -20.45 -35.88 -8.00
N PHE A 188 -20.62 -34.66 -7.49
CA PHE A 188 -21.89 -34.17 -6.99
C PHE A 188 -22.67 -33.49 -8.11
N ASP A 189 -24.00 -33.56 -8.04
CA ASP A 189 -24.87 -32.69 -8.82
C ASP A 189 -25.45 -31.68 -7.83
N LEU A 190 -24.80 -30.52 -7.75
CA LEU A 190 -25.14 -29.56 -6.70
C LEU A 190 -26.50 -28.93 -6.90
N ALA A 191 -27.10 -29.06 -8.08
CA ALA A 191 -28.41 -28.49 -8.32
C ALA A 191 -29.51 -29.33 -7.68
N THR A 192 -29.24 -30.59 -7.35
CA THR A 192 -30.23 -31.49 -6.79
C THR A 192 -29.77 -32.21 -5.52
N GLN A 193 -28.48 -32.21 -5.20
CA GLN A 193 -27.93 -32.97 -4.09
C GLN A 193 -27.23 -32.03 -3.12
N ILE A 194 -27.39 -32.28 -1.82
CA ILE A 194 -26.69 -31.46 -0.83
C ILE A 194 -25.20 -31.81 -0.94
N PRO A 195 -24.30 -30.88 -0.63
CA PRO A 195 -22.87 -31.12 -0.92
C PRO A 195 -22.17 -31.97 0.14
N LEU A 196 -22.88 -32.86 0.81
CA LEU A 196 -22.26 -33.76 1.79
C LEU A 196 -22.78 -35.17 1.58
N ARG A 197 -21.86 -36.12 1.61
CA ARG A 197 -22.14 -37.53 1.40
C ARG A 197 -21.36 -38.32 2.44
N VAL A 198 -21.99 -39.35 3.02
CA VAL A 198 -21.37 -40.09 4.11
C VAL A 198 -21.39 -41.58 3.78
N ARG A 199 -20.24 -42.24 3.90
CA ARG A 199 -20.10 -43.67 3.68
C ARG A 199 -19.41 -44.30 4.87
N MET A 200 -19.95 -45.43 5.32
CA MET A 200 -19.31 -46.27 6.34
C MET A 200 -18.78 -47.51 5.64
N ILE A 201 -17.46 -47.66 5.63
CA ILE A 201 -16.83 -48.78 4.94
C ILE A 201 -16.59 -49.91 5.92
N THR A 202 -17.13 -51.08 5.60
CA THR A 202 -16.93 -52.30 6.37
C THR A 202 -16.40 -53.39 5.45
N GLY A 203 -15.94 -54.48 6.05
CA GLY A 203 -15.45 -55.59 5.28
C GLY A 203 -14.63 -56.54 6.12
N GLU A 204 -14.24 -57.66 5.49
CA GLU A 204 -13.48 -58.69 6.18
C GLU A 204 -12.13 -58.16 6.66
N GLN A 205 -11.45 -57.37 5.82
CA GLN A 205 -10.14 -56.84 6.14
C GLN A 205 -10.20 -55.54 6.92
N VAL A 206 -11.38 -55.10 7.32
CA VAL A 206 -11.55 -53.85 8.07
C VAL A 206 -11.95 -54.20 9.50
N ASP A 207 -11.14 -53.77 10.46
CA ASP A 207 -11.44 -53.95 11.87
C ASP A 207 -12.26 -52.76 12.35
N GLY A 208 -13.55 -52.97 12.58
CA GLY A 208 -14.46 -51.88 12.89
C GLY A 208 -15.10 -51.32 11.63
N CYS A 209 -14.86 -50.04 11.35
CA CYS A 209 -15.32 -49.45 10.09
C CYS A 209 -14.43 -48.26 9.77
N VAL A 210 -14.53 -47.79 8.54
CA VAL A 210 -13.94 -46.53 8.15
C VAL A 210 -15.08 -45.59 7.79
N LEU A 211 -15.18 -44.49 8.54
CA LEU A 211 -16.21 -43.49 8.28
C LEU A 211 -15.64 -42.46 7.31
N LEU A 212 -16.31 -42.28 6.18
CA LEU A 212 -15.85 -41.36 5.15
C LEU A 212 -16.89 -40.29 4.93
N LEU A 213 -16.50 -39.05 5.15
CA LEU A 213 -17.29 -37.90 4.78
C LEU A 213 -16.72 -37.34 3.49
N VAL A 214 -17.57 -37.16 2.49
CA VAL A 214 -17.17 -36.53 1.25
C VAL A 214 -17.97 -35.24 1.14
N CYS A 215 -17.28 -34.12 1.26
CA CYS A 215 -17.89 -32.82 1.00
C CYS A 215 -17.49 -32.33 -0.38
N HIS A 216 -18.36 -31.55 -0.98
CA HIS A 216 -17.92 -30.71 -2.07
C HIS A 216 -17.24 -29.48 -1.49
N HIS A 217 -16.13 -29.06 -2.11
CA HIS A 217 -15.40 -27.91 -1.58
C HIS A 217 -16.26 -26.66 -1.41
N ILE A 218 -17.38 -26.55 -2.14
CA ILE A 218 -18.21 -25.37 -2.01
C ILE A 218 -18.76 -25.23 -0.59
N ALA A 219 -18.74 -26.33 0.17
CA ALA A 219 -19.28 -26.31 1.53
C ALA A 219 -18.22 -26.50 2.61
N ALA A 220 -16.96 -26.76 2.27
CA ALA A 220 -15.98 -27.02 3.33
C ALA A 220 -14.55 -26.85 2.82
N ASP A 221 -13.74 -26.18 3.63
CA ASP A 221 -12.28 -26.20 3.50
C ASP A 221 -11.70 -27.16 4.54
N GLU A 222 -10.37 -27.29 4.54
CA GLU A 222 -9.72 -28.24 5.44
C GLU A 222 -9.74 -27.76 6.89
N TRP A 223 -10.01 -26.49 7.14
CA TRP A 223 -10.23 -26.07 8.51
C TRP A 223 -11.60 -26.49 9.03
N SER A 224 -12.47 -27.02 8.17
CA SER A 224 -13.79 -27.48 8.58
C SER A 224 -13.76 -28.87 9.20
N PHE A 225 -12.63 -29.58 9.08
CA PHE A 225 -12.54 -30.93 9.61
C PHE A 225 -12.79 -30.96 11.11
N ALA A 226 -12.21 -30.02 11.85
CA ALA A 226 -12.38 -30.04 13.30
C ALA A 226 -13.82 -29.81 13.73
N PRO A 227 -14.54 -28.77 13.26
CA PRO A 227 -15.95 -28.66 13.66
C PRO A 227 -16.83 -29.77 13.13
N LEU A 228 -16.54 -30.28 11.93
CA LEU A 228 -17.33 -31.37 11.38
C LEU A 228 -17.27 -32.60 12.27
N LEU A 229 -16.07 -33.00 12.67
CA LEU A 229 -15.93 -34.16 13.54
C LEU A 229 -16.50 -33.88 14.92
N ARG A 230 -16.27 -32.67 15.43
CA ARG A 230 -16.79 -32.28 16.73
C ARG A 230 -18.31 -32.34 16.76
N ASP A 231 -18.97 -31.77 15.75
CA ASP A 231 -20.43 -31.74 15.78
C ASP A 231 -21.03 -33.10 15.45
N LEU A 232 -20.41 -33.84 14.52
CA LEU A 232 -20.91 -35.18 14.23
C LEU A 232 -20.78 -36.09 15.44
N ASP A 233 -19.68 -35.97 16.19
CA ASP A 233 -19.50 -36.74 17.41
C ASP A 233 -20.61 -36.43 18.42
N THR A 234 -20.91 -35.14 18.61
CA THR A 234 -21.93 -34.73 19.56
C THR A 234 -23.30 -35.27 19.16
N ALA A 235 -23.64 -35.16 17.87
CA ALA A 235 -24.94 -35.64 17.40
C ALA A 235 -25.03 -37.16 17.45
N TYR A 236 -23.92 -37.86 17.14
CA TYR A 236 -23.97 -39.32 17.17
C TYR A 236 -24.17 -39.82 18.60
N ARG A 237 -23.40 -39.28 19.55
CA ARG A 237 -23.53 -39.70 20.94
C ARG A 237 -24.93 -39.43 21.48
N ALA A 238 -25.51 -38.29 21.13
CA ALA A 238 -26.86 -37.97 21.60
C ALA A 238 -27.90 -38.90 20.99
N ARG A 239 -27.84 -39.10 19.68
CA ARG A 239 -28.82 -39.95 19.01
C ARG A 239 -28.70 -41.41 19.46
N ALA A 240 -27.48 -41.86 19.75
CA ALA A 240 -27.32 -43.20 20.29
C ALA A 240 -27.97 -43.34 21.67
N ALA A 241 -28.04 -42.24 22.43
CA ALA A 241 -28.73 -42.22 23.72
C ALA A 241 -30.21 -41.86 23.58
N GLY A 242 -30.71 -41.73 22.35
CA GLY A 242 -32.12 -41.52 22.14
C GLY A 242 -32.60 -40.09 22.26
N ARG A 243 -31.75 -39.12 21.94
CA ARG A 243 -32.16 -37.72 22.06
C ARG A 243 -31.44 -36.87 21.02
N ALA A 244 -31.98 -35.66 20.83
CA ALA A 244 -31.38 -34.67 19.94
C ALA A 244 -30.20 -34.01 20.62
N PRO A 245 -29.15 -33.65 19.86
CA PRO A 245 -27.98 -33.02 20.47
C PRO A 245 -28.34 -31.71 21.14
N ASP A 246 -27.67 -31.45 22.26
CA ASP A 246 -27.90 -30.25 23.08
C ASP A 246 -26.76 -29.28 22.79
N TRP A 247 -26.87 -28.58 21.67
CA TRP A 247 -25.99 -27.48 21.30
C TRP A 247 -26.67 -26.13 21.23
N GLU A 248 -25.82 -25.12 21.33
CA GLU A 248 -25.98 -23.69 21.25
C GLU A 248 -25.97 -23.25 19.78
N PRO A 249 -26.86 -22.33 19.40
CA PRO A 249 -26.94 -21.94 17.98
C PRO A 249 -25.63 -21.32 17.52
N LEU A 250 -25.34 -21.48 16.23
CA LEU A 250 -24.11 -20.97 15.69
C LEU A 250 -24.07 -19.44 15.79
N PRO A 251 -22.92 -18.86 16.10
CA PRO A 251 -22.81 -17.39 16.05
C PRO A 251 -23.13 -16.80 14.70
N ALA A 252 -22.95 -17.58 13.62
CA ALA A 252 -23.27 -17.12 12.28
C ALA A 252 -23.40 -18.32 11.36
N GLN A 253 -24.27 -18.19 10.36
CA GLN A 253 -24.30 -19.13 9.23
C GLN A 253 -23.37 -18.60 8.14
N TYR A 254 -23.06 -19.48 7.17
CA TYR A 254 -22.15 -19.09 6.09
C TYR A 254 -22.70 -17.91 5.30
N SER A 255 -24.02 -17.87 5.07
CA SER A 255 -24.64 -16.74 4.38
C SER A 255 -24.47 -15.43 5.13
N ASP A 256 -24.44 -15.47 6.47
CA ASP A 256 -24.12 -14.26 7.22
C ASP A 256 -22.72 -13.78 6.89
N TYR A 257 -21.75 -14.70 6.85
CA TYR A 257 -20.39 -14.35 6.47
C TYR A 257 -20.34 -13.80 5.06
N ALA A 258 -20.98 -14.49 4.10
CA ALA A 258 -20.91 -14.06 2.71
C ALA A 258 -21.51 -12.69 2.52
N ALA A 259 -22.65 -12.42 3.19
CA ALA A 259 -23.30 -11.11 3.08
C ALA A 259 -22.38 -10.01 3.58
N THR A 260 -21.73 -10.24 4.72
CA THR A 260 -20.81 -9.25 5.27
C THR A 260 -19.63 -9.01 4.33
N LEU A 261 -19.02 -10.09 3.85
CA LEU A 261 -17.86 -9.98 2.97
C LEU A 261 -18.20 -9.20 1.70
N HIS A 262 -19.34 -9.51 1.08
CA HIS A 262 -19.69 -8.83 -0.16
C HIS A 262 -20.03 -7.35 0.08
N ASP A 263 -20.73 -7.05 1.18
CA ASP A 263 -21.04 -5.65 1.48
C ASP A 263 -19.77 -4.85 1.77
N TRP A 264 -18.77 -5.47 2.40
CA TRP A 264 -17.51 -4.77 2.62
C TRP A 264 -16.71 -4.66 1.33
N LEU A 265 -16.73 -5.69 0.49
CA LEU A 265 -15.94 -5.68 -0.74
C LEU A 265 -16.32 -4.54 -1.70
N GLY A 266 -17.64 -4.24 -1.88
CA GLY A 266 -18.16 -3.15 -2.74
C GLY A 266 -18.12 -3.60 -4.20
N GLU A 267 -18.25 -2.65 -5.07
CA GLU A 267 -18.13 -2.98 -6.47
C GLU A 267 -16.77 -2.60 -7.04
N ALA A 268 -16.44 -3.30 -8.13
CA ALA A 268 -15.29 -3.09 -8.99
C ALA A 268 -15.32 -1.73 -9.71
N THR A 269 -16.50 -1.20 -9.96
CA THR A 269 -16.59 0.10 -10.62
C THR A 269 -16.39 1.26 -9.66
N ASP A 270 -16.41 1.02 -8.34
CA ASP A 270 -16.17 2.06 -7.36
C ASP A 270 -14.68 2.12 -7.08
N PRO A 271 -13.98 3.19 -7.47
CA PRO A 271 -12.52 3.20 -7.33
C PRO A 271 -12.03 3.14 -5.89
N ALA A 272 -12.88 3.49 -4.91
CA ALA A 272 -12.48 3.45 -3.51
C ALA A 272 -12.83 2.14 -2.82
N SER A 273 -13.58 1.25 -3.48
CA SER A 273 -13.96 -0.01 -2.87
C SER A 273 -12.72 -0.90 -2.66
N PRO A 274 -12.70 -1.70 -1.59
CA PRO A 274 -11.58 -2.62 -1.40
C PRO A 274 -11.35 -3.55 -2.58
N LEU A 275 -12.41 -3.95 -3.27
CA LEU A 275 -12.27 -4.86 -4.41
C LEU A 275 -11.43 -4.24 -5.52
N ARG A 276 -11.79 -3.03 -5.95
CA ARG A 276 -11.05 -2.37 -7.02
C ARG A 276 -9.62 -2.08 -6.59
N ARG A 277 -9.46 -1.60 -5.36
CA ARG A 277 -8.13 -1.37 -4.80
C ARG A 277 -7.27 -2.62 -4.77
N GLN A 278 -7.82 -3.75 -4.34
CA GLN A 278 -7.00 -4.96 -4.30
C GLN A 278 -6.78 -5.51 -5.71
N LEU A 279 -7.78 -5.35 -6.58
CA LEU A 279 -7.63 -5.76 -7.97
C LEU A 279 -6.52 -4.98 -8.67
N ASP A 280 -6.41 -3.68 -8.36
CA ASP A 280 -5.36 -2.87 -8.99
C ASP A 280 -3.98 -3.28 -8.52
N TYR A 281 -3.85 -3.66 -7.25
CA TYR A 281 -2.57 -4.21 -6.79
C TYR A 281 -2.21 -5.46 -7.58
N TRP A 282 -3.17 -6.39 -7.70
CA TRP A 282 -2.87 -7.66 -8.33
C TRP A 282 -2.58 -7.50 -9.82
N GLN A 283 -3.25 -6.56 -10.49
CA GLN A 283 -2.94 -6.31 -11.89
C GLN A 283 -1.49 -5.86 -12.06
N HIS A 284 -0.99 -5.02 -11.15
CA HIS A 284 0.40 -4.58 -11.21
C HIS A 284 1.35 -5.72 -10.82
N ALA A 285 1.03 -6.42 -9.73
CA ALA A 285 1.97 -7.40 -9.18
C ALA A 285 2.16 -8.61 -10.10
N LEU A 286 1.17 -8.91 -10.94
CA LEU A 286 1.23 -10.06 -11.84
C LEU A 286 1.53 -9.67 -13.28
N GLN A 287 2.21 -8.54 -13.47
CA GLN A 287 2.53 -8.09 -14.82
C GLN A 287 3.56 -9.00 -15.47
N ASP A 288 3.35 -9.29 -16.76
CA ASP A 288 4.28 -10.10 -17.55
C ASP A 288 4.58 -11.44 -16.87
N LEU A 289 3.52 -12.09 -16.44
CA LEU A 289 3.61 -13.40 -15.81
C LEU A 289 3.87 -14.48 -16.86
N PRO A 290 4.67 -15.50 -16.53
CA PRO A 290 4.79 -16.63 -17.45
C PRO A 290 3.44 -17.31 -17.64
N ASP A 291 3.16 -17.75 -18.88
CA ASP A 291 1.96 -18.55 -19.10
C ASP A 291 2.03 -19.84 -18.29
N GLU A 292 3.22 -20.42 -18.21
CA GLU A 292 3.47 -21.64 -17.45
C GLU A 292 4.96 -21.71 -17.19
N LEU A 293 5.35 -22.62 -16.32
CA LEU A 293 6.75 -22.85 -16.03
C LEU A 293 7.26 -24.05 -16.81
N ASP A 294 8.58 -24.12 -16.93
CA ASP A 294 9.27 -25.14 -17.71
C ASP A 294 9.62 -26.27 -16.74
N LEU A 295 8.63 -27.12 -16.44
CA LEU A 295 8.77 -28.21 -15.49
C LEU A 295 9.30 -29.47 -16.16
N PRO A 296 9.96 -30.35 -15.41
CA PRO A 296 10.46 -31.63 -15.96
C PRO A 296 9.39 -32.72 -15.95
N THR A 297 8.48 -32.66 -16.90
CA THR A 297 7.38 -33.60 -16.95
C THR A 297 7.78 -34.86 -17.73
N ASP A 298 7.01 -35.92 -17.52
CA ASP A 298 7.19 -37.13 -18.33
C ASP A 298 6.46 -37.04 -19.65
N ARG A 299 5.44 -36.18 -19.76
CA ARG A 299 4.68 -35.98 -20.98
C ARG A 299 4.38 -34.50 -21.14
N PRO A 300 4.35 -34.01 -22.37
CA PRO A 300 3.96 -32.61 -22.59
C PRO A 300 2.49 -32.39 -22.27
N ARG A 301 2.13 -31.13 -22.06
CA ARG A 301 0.76 -30.78 -21.72
C ARG A 301 -0.20 -31.21 -22.83
N PRO A 302 -1.21 -32.02 -22.53
CA PRO A 302 -2.18 -32.41 -23.56
C PRO A 302 -3.11 -31.25 -23.91
N ALA A 303 -3.83 -31.43 -25.03
CA ALA A 303 -4.81 -30.42 -25.44
C ALA A 303 -6.03 -30.44 -24.53
N THR A 304 -6.28 -31.56 -23.85
CA THR A 304 -7.45 -31.75 -23.02
C THR A 304 -7.02 -32.34 -21.68
N ALA A 305 -7.47 -31.72 -20.59
CA ALA A 305 -7.10 -32.15 -19.25
C ALA A 305 -8.06 -33.24 -18.77
N SER A 306 -7.49 -34.34 -18.29
CA SER A 306 -8.28 -35.43 -17.74
C SER A 306 -8.54 -35.30 -16.24
N HIS A 307 -7.78 -34.45 -15.54
CA HIS A 307 -7.85 -34.27 -14.09
C HIS A 307 -7.64 -35.57 -13.33
N ARG A 308 -7.08 -36.59 -13.97
CA ARG A 308 -6.63 -37.74 -13.22
C ARG A 308 -5.35 -37.38 -12.47
N GLY A 309 -5.14 -38.02 -11.34
CA GLY A 309 -3.98 -37.70 -10.54
C GLY A 309 -3.62 -38.84 -9.62
N GLY A 310 -2.48 -38.67 -8.96
CA GLY A 310 -2.08 -39.55 -7.89
C GLY A 310 -1.60 -38.72 -6.71
N LEU A 311 -1.15 -39.44 -5.69
CA LEU A 311 -0.67 -38.76 -4.50
C LEU A 311 0.58 -39.46 -4.00
N ALA A 312 1.70 -38.75 -4.02
CA ALA A 312 2.97 -39.24 -3.51
C ALA A 312 3.27 -38.56 -2.18
N ARG A 313 3.67 -39.33 -1.18
CA ARG A 313 3.94 -38.80 0.14
C ARG A 313 5.42 -38.95 0.48
N ALA A 314 5.94 -37.95 1.19
CA ALA A 314 7.29 -37.99 1.73
C ALA A 314 7.19 -37.82 3.24
N GLU A 315 7.49 -38.90 3.97
CA GLU A 315 7.44 -38.84 5.43
C GLU A 315 8.59 -37.99 5.94
N LEU A 316 8.32 -37.23 6.99
CA LEU A 316 9.34 -36.38 7.59
C LEU A 316 9.70 -36.91 8.96
N PRO A 317 10.98 -37.15 9.23
CA PRO A 317 11.39 -37.53 10.59
C PRO A 317 11.04 -36.43 11.58
N PRO A 318 10.62 -36.80 12.79
CA PRO A 318 10.36 -35.76 13.82
C PRO A 318 11.47 -34.75 13.97
N GLU A 319 12.72 -35.18 13.84
CA GLU A 319 13.85 -34.27 13.97
C GLU A 319 13.81 -33.19 12.88
N LEU A 320 13.43 -33.57 11.66
CA LEU A 320 13.37 -32.60 10.58
C LEU A 320 12.22 -31.63 10.78
N VAL A 321 11.08 -32.12 11.26
CA VAL A 321 9.94 -31.24 11.53
C VAL A 321 10.32 -30.17 12.55
N GLU A 322 11.04 -30.55 13.61
CA GLU A 322 11.49 -29.56 14.58
C GLU A 322 12.52 -28.61 13.99
N ALA A 323 13.44 -29.12 13.17
CA ALA A 323 14.40 -28.26 12.52
C ALA A 323 13.72 -27.25 11.59
N VAL A 324 12.63 -27.66 10.95
CA VAL A 324 11.88 -26.73 10.10
C VAL A 324 11.21 -25.66 10.96
N ARG A 325 10.58 -26.07 12.06
CA ARG A 325 9.99 -25.11 13.00
C ARG A 325 11.05 -24.17 13.55
N ARG A 326 12.19 -24.73 13.99
CA ARG A 326 13.29 -23.91 14.49
C ARG A 326 13.75 -22.93 13.44
N LEU A 327 13.96 -23.39 12.21
CA LEU A 327 14.37 -22.49 11.15
C LEU A 327 13.36 -21.36 10.95
N ALA A 328 12.07 -21.69 11.00
CA ALA A 328 11.03 -20.68 10.84
C ALA A 328 11.09 -19.65 11.97
N ALA A 329 11.13 -20.11 13.22
CA ALA A 329 11.19 -19.17 14.33
C ALA A 329 12.42 -18.29 14.22
N GLN A 330 13.51 -18.85 13.77
CA GLN A 330 14.79 -18.17 13.88
C GLN A 330 14.89 -17.06 12.84
N HIS A 331 14.26 -17.31 11.71
CA HIS A 331 14.19 -16.32 10.64
C HIS A 331 12.88 -15.54 10.65
N GLY A 332 12.01 -15.75 11.64
CA GLY A 332 10.80 -14.95 11.72
C GLY A 332 9.87 -15.11 10.54
N VAL A 333 9.65 -16.37 10.13
CA VAL A 333 8.68 -16.69 9.09
C VAL A 333 7.84 -17.85 9.58
N THR A 334 6.78 -18.14 8.84
CA THR A 334 5.94 -19.29 9.16
C THR A 334 6.55 -20.55 8.53
N VAL A 335 6.07 -21.70 9.00
CA VAL A 335 6.48 -22.97 8.38
C VAL A 335 6.09 -22.99 6.91
N PHE A 336 4.90 -22.45 6.58
CA PHE A 336 4.46 -22.36 5.20
C PHE A 336 5.48 -21.61 4.33
N MET A 337 6.00 -20.50 4.83
CA MET A 337 6.97 -19.71 4.07
C MET A 337 8.25 -20.49 3.79
N VAL A 338 8.71 -21.29 4.76
CA VAL A 338 9.86 -22.16 4.53
C VAL A 338 9.55 -23.17 3.42
N VAL A 339 8.38 -23.82 3.51
CA VAL A 339 8.02 -24.82 2.51
C VAL A 339 7.88 -24.17 1.14
N GLN A 340 7.24 -23.00 1.10
CA GLN A 340 7.12 -22.22 -0.13
C GLN A 340 8.47 -21.93 -0.76
N ALA A 341 9.40 -21.43 0.06
CA ALA A 341 10.76 -21.17 -0.43
C ALA A 341 11.42 -22.44 -0.95
N ALA A 342 11.23 -23.56 -0.24
CA ALA A 342 11.83 -24.82 -0.68
C ALA A 342 11.25 -25.28 -2.02
N VAL A 343 9.94 -25.10 -2.23
CA VAL A 343 9.35 -25.48 -3.52
C VAL A 343 9.90 -24.60 -4.63
N ALA A 344 10.02 -23.29 -4.37
CA ALA A 344 10.62 -22.39 -5.35
C ALA A 344 12.03 -22.82 -5.72
N VAL A 345 12.84 -23.20 -4.71
CA VAL A 345 14.20 -23.66 -5.00
C VAL A 345 14.16 -24.91 -5.86
N LEU A 346 13.31 -25.88 -5.48
CA LEU A 346 13.19 -27.12 -6.24
C LEU A 346 12.88 -26.84 -7.70
N LEU A 347 11.82 -26.09 -7.97
CA LEU A 347 11.43 -25.80 -9.35
C LEU A 347 12.54 -25.04 -10.07
N HIS A 348 13.18 -24.12 -9.36
CA HIS A 348 14.28 -23.34 -9.93
C HIS A 348 15.43 -24.25 -10.35
N ARG A 349 15.82 -25.18 -9.48
CA ARG A 349 16.93 -26.07 -9.80
C ARG A 349 16.58 -27.03 -10.92
N LEU A 350 15.29 -27.24 -11.18
CA LEU A 350 14.86 -28.10 -12.26
C LEU A 350 14.69 -27.35 -13.57
N GLY A 351 15.06 -26.07 -13.60
CA GLY A 351 15.09 -25.32 -14.84
C GLY A 351 13.90 -24.41 -15.09
N ALA A 352 13.10 -24.10 -14.07
CA ALA A 352 11.93 -23.25 -14.26
C ALA A 352 12.27 -21.76 -14.31
N GLY A 353 13.52 -21.37 -14.03
CA GLY A 353 13.91 -19.98 -14.10
C GLY A 353 13.91 -19.29 -12.76
N ASP A 354 13.89 -17.95 -12.83
CA ASP A 354 13.99 -17.11 -11.65
C ASP A 354 12.66 -16.51 -11.21
N ASP A 355 11.63 -16.59 -12.04
CA ASP A 355 10.32 -16.00 -11.77
C ASP A 355 9.34 -17.15 -11.53
N ILE A 356 9.05 -17.43 -10.25
CA ILE A 356 8.29 -18.61 -9.86
C ILE A 356 6.94 -18.19 -9.24
N PRO A 357 5.85 -18.26 -10.00
CA PRO A 357 4.51 -18.00 -9.43
C PRO A 357 3.94 -19.26 -8.82
N LEU A 358 3.64 -19.20 -7.52
CA LEU A 358 3.09 -20.33 -6.79
C LEU A 358 1.72 -19.94 -6.23
N GLY A 359 0.69 -20.71 -6.58
CA GLY A 359 -0.61 -20.50 -5.96
C GLY A 359 -0.64 -21.01 -4.54
N SER A 360 -1.48 -20.38 -3.70
CA SER A 360 -1.64 -20.81 -2.33
C SER A 360 -3.00 -20.40 -1.80
N PRO A 361 -3.70 -21.26 -1.07
CA PRO A 361 -4.97 -20.85 -0.47
C PRO A 361 -4.71 -20.06 0.80
N VAL A 362 -5.59 -19.09 1.06
CA VAL A 362 -5.50 -18.25 2.25
C VAL A 362 -6.86 -18.25 2.92
N ALA A 363 -6.89 -18.55 4.21
CA ALA A 363 -8.15 -18.68 4.95
C ALA A 363 -8.61 -17.31 5.43
N ASP A 364 -9.89 -17.01 5.25
CA ASP A 364 -10.49 -15.77 5.71
C ASP A 364 -11.35 -16.02 6.95
N ARG A 365 -10.69 -16.49 8.02
CA ARG A 365 -11.38 -16.97 9.21
C ARG A 365 -11.02 -16.16 10.46
N ALA A 366 -10.56 -14.91 10.31
CA ALA A 366 -10.15 -14.14 11.47
C ALA A 366 -11.33 -13.80 12.38
N ASP A 367 -12.50 -13.51 11.79
CA ASP A 367 -13.67 -13.15 12.58
C ASP A 367 -14.06 -14.28 13.52
N GLU A 368 -14.30 -13.95 14.79
CA GLU A 368 -14.56 -14.99 15.79
C GLU A 368 -15.82 -15.78 15.47
N ALA A 369 -16.76 -15.19 14.74
CA ALA A 369 -18.00 -15.88 14.39
C ALA A 369 -17.79 -17.01 13.38
N VAL A 370 -16.68 -17.00 12.64
CA VAL A 370 -16.40 -18.05 11.66
C VAL A 370 -15.05 -18.72 11.88
N HIS A 371 -14.30 -18.31 12.92
CA HIS A 371 -12.96 -18.85 13.13
C HIS A 371 -12.96 -20.37 13.22
N ASP A 372 -14.02 -20.97 13.77
CA ASP A 372 -14.05 -22.41 14.02
C ASP A 372 -15.30 -23.08 13.46
N THR A 373 -15.87 -22.56 12.38
CA THR A 373 -17.13 -23.09 11.88
C THR A 373 -16.92 -23.84 10.55
N VAL A 374 -18.02 -24.37 10.02
CA VAL A 374 -17.99 -25.19 8.82
C VAL A 374 -18.25 -24.32 7.60
N GLY A 375 -17.38 -24.41 6.60
CA GLY A 375 -17.59 -23.71 5.36
C GLY A 375 -16.28 -23.56 4.60
N PHE A 376 -16.39 -22.97 3.42
CA PHE A 376 -15.24 -22.75 2.55
C PHE A 376 -14.82 -21.29 2.66
N PHE A 377 -13.67 -21.05 3.30
CA PHE A 377 -13.21 -19.69 3.52
C PHE A 377 -11.89 -19.40 2.81
N LEU A 378 -11.52 -20.21 1.83
CA LEU A 378 -10.21 -20.09 1.20
C LEU A 378 -10.31 -19.23 -0.05
N ASN A 379 -9.59 -18.11 -0.06
CA ASN A 379 -9.28 -17.48 -1.32
C ASN A 379 -7.93 -18.01 -1.82
N THR A 380 -7.70 -17.88 -3.12
CA THR A 380 -6.46 -18.33 -3.74
C THR A 380 -5.64 -17.12 -4.18
N LEU A 381 -4.37 -17.12 -3.81
CA LEU A 381 -3.45 -16.03 -4.11
C LEU A 381 -2.28 -16.54 -4.94
N VAL A 382 -1.74 -15.69 -5.81
CA VAL A 382 -0.54 -15.98 -6.56
C VAL A 382 0.63 -15.34 -5.85
N LEU A 383 1.51 -16.17 -5.27
CA LEU A 383 2.69 -15.71 -4.57
C LEU A 383 3.89 -15.81 -5.52
N ARG A 384 4.33 -14.67 -6.04
CA ARG A 384 5.33 -14.61 -7.08
C ARG A 384 6.70 -14.33 -6.46
N VAL A 385 7.55 -15.34 -6.44
CA VAL A 385 8.85 -15.25 -5.78
C VAL A 385 9.94 -15.17 -6.84
N ASN A 386 10.90 -14.28 -6.63
CA ASN A 386 12.02 -14.08 -7.55
C ASN A 386 13.28 -14.67 -6.95
N LEU A 387 14.01 -15.43 -7.74
CA LEU A 387 15.22 -16.12 -7.28
C LEU A 387 16.47 -15.63 -8.02
N SER A 388 16.40 -14.48 -8.67
CA SER A 388 17.56 -13.94 -9.35
C SER A 388 18.61 -13.46 -8.34
N GLY A 389 19.88 -13.55 -8.73
CA GLY A 389 20.97 -13.01 -7.95
C GLY A 389 21.69 -13.98 -7.03
N ASN A 390 21.55 -15.29 -7.24
CA ASN A 390 22.17 -16.31 -6.40
C ASN A 390 21.95 -16.08 -4.90
N PRO A 391 20.71 -15.93 -4.44
CA PRO A 391 20.49 -15.69 -3.02
C PRO A 391 20.73 -16.96 -2.21
N THR A 392 21.14 -16.77 -0.97
CA THR A 392 21.16 -17.88 -0.03
C THR A 392 19.72 -18.22 0.37
N PHE A 393 19.56 -19.33 1.08
CA PHE A 393 18.22 -19.69 1.54
C PHE A 393 17.70 -18.67 2.54
N ALA A 394 18.57 -18.18 3.43
CA ALA A 394 18.18 -17.14 4.37
C ALA A 394 17.72 -15.88 3.63
N ASP A 395 18.43 -15.52 2.56
CA ASP A 395 17.97 -14.42 1.71
C ASP A 395 16.59 -14.70 1.13
N LEU A 396 16.38 -15.91 0.62
CA LEU A 396 15.09 -16.24 0.01
C LEU A 396 13.95 -16.12 1.00
N LEU A 397 14.21 -16.49 2.27
CA LEU A 397 13.18 -16.39 3.29
C LEU A 397 12.73 -14.95 3.51
N ASP A 398 13.69 -14.01 3.54
CA ASP A 398 13.33 -12.60 3.60
C ASP A 398 12.51 -12.18 2.38
N ARG A 399 12.92 -12.63 1.19
CA ARG A 399 12.18 -12.30 -0.02
C ARG A 399 10.76 -12.86 0.03
N VAL A 400 10.62 -14.12 0.44
CA VAL A 400 9.30 -14.75 0.48
C VAL A 400 8.41 -14.06 1.52
N ARG A 401 8.98 -13.71 2.67
CA ARG A 401 8.22 -12.96 3.68
C ARG A 401 7.63 -11.68 3.10
N ALA A 402 8.46 -10.90 2.42
CA ALA A 402 8.00 -9.63 1.87
C ALA A 402 6.90 -9.84 0.83
N VAL A 403 7.12 -10.80 -0.07
CA VAL A 403 6.12 -11.11 -1.10
C VAL A 403 4.81 -11.53 -0.44
N ASP A 404 4.89 -12.37 0.58
CA ASP A 404 3.66 -12.90 1.17
C ASP A 404 2.90 -11.84 1.96
N LEU A 405 3.62 -11.00 2.72
CA LEU A 405 2.94 -9.97 3.51
C LEU A 405 2.26 -8.94 2.61
N GLU A 406 2.88 -8.57 1.49
CA GLU A 406 2.19 -7.72 0.52
C GLU A 406 0.92 -8.39 0.02
N ALA A 407 1.01 -9.67 -0.35
CA ALA A 407 -0.15 -10.38 -0.88
C ALA A 407 -1.23 -10.55 0.19
N PHE A 408 -0.83 -10.84 1.43
CA PHE A 408 -1.82 -11.07 2.48
C PHE A 408 -2.63 -9.81 2.78
N ALA A 409 -2.04 -8.62 2.60
CA ALA A 409 -2.80 -7.38 2.77
C ALA A 409 -3.86 -7.19 1.69
N ARG A 410 -3.93 -8.10 0.72
CA ARG A 410 -4.78 -7.90 -0.44
C ARG A 410 -5.42 -9.24 -0.81
N ALA A 411 -5.91 -9.96 0.19
CA ALA A 411 -6.37 -11.34 0.07
C ALA A 411 -7.88 -11.48 -0.07
N ASP A 412 -8.62 -10.37 -0.16
CA ASP A 412 -10.07 -10.45 -0.27
C ASP A 412 -10.57 -10.41 -1.70
N ALA A 413 -9.81 -9.84 -2.61
CA ALA A 413 -10.19 -9.86 -4.03
C ALA A 413 -10.32 -11.29 -4.49
N PRO A 414 -11.51 -11.75 -4.89
CA PRO A 414 -11.67 -13.16 -5.27
C PRO A 414 -10.77 -13.52 -6.43
N PHE A 415 -10.23 -14.74 -6.38
CA PHE A 415 -9.25 -15.15 -7.39
C PHE A 415 -9.85 -15.10 -8.80
N ASP A 416 -11.15 -15.40 -8.94
CA ASP A 416 -11.74 -15.35 -10.27
C ASP A 416 -11.77 -13.93 -10.82
N ALA A 417 -11.94 -12.93 -9.95
CA ALA A 417 -11.84 -11.53 -10.38
C ALA A 417 -10.41 -11.16 -10.72
N VAL A 418 -9.42 -11.76 -10.04
CA VAL A 418 -8.02 -11.50 -10.35
C VAL A 418 -7.67 -12.04 -11.73
N VAL A 419 -8.08 -13.29 -12.03
CA VAL A 419 -7.84 -13.86 -13.36
C VAL A 419 -8.48 -13.00 -14.44
N ASP A 420 -9.72 -12.55 -14.21
CA ASP A 420 -10.39 -11.70 -15.17
C ASP A 420 -9.62 -10.40 -15.39
N THR A 421 -9.14 -9.79 -14.31
CA THR A 421 -8.40 -8.54 -14.42
C THR A 421 -7.07 -8.73 -15.14
N VAL A 422 -6.33 -9.79 -14.78
CA VAL A 422 -5.00 -10.01 -15.37
C VAL A 422 -5.12 -10.43 -16.84
N LYS A 423 -6.21 -11.10 -17.21
CA LYS A 423 -6.50 -11.55 -18.58
C LYS A 423 -5.41 -12.43 -19.17
N PRO A 424 -5.11 -13.58 -18.58
CA PRO A 424 -4.12 -14.48 -19.16
C PRO A 424 -4.71 -15.20 -20.36
N PRO A 425 -3.86 -15.68 -21.27
CA PRO A 425 -4.33 -16.60 -22.32
C PRO A 425 -4.90 -17.87 -21.68
N ARG A 426 -6.08 -18.27 -22.13
CA ARG A 426 -6.77 -19.39 -21.52
C ARG A 426 -6.61 -20.66 -22.33
N ALA A 427 -6.58 -21.79 -21.61
CA ALA A 427 -6.47 -23.10 -22.22
C ALA A 427 -7.08 -24.10 -21.25
N VAL A 428 -7.98 -24.95 -21.74
CA VAL A 428 -8.72 -25.83 -20.86
C VAL A 428 -7.81 -26.79 -20.11
N SER A 429 -6.59 -27.04 -20.60
CA SER A 429 -5.70 -27.98 -19.97
C SER A 429 -4.62 -27.31 -19.12
N ARG A 430 -4.75 -26.02 -18.84
CA ARG A 430 -3.77 -25.31 -18.01
C ARG A 430 -4.50 -24.36 -17.07
N HIS A 431 -4.30 -24.53 -15.77
CA HIS A 431 -4.89 -23.59 -14.82
C HIS A 431 -4.25 -22.21 -14.99
N PRO A 432 -5.05 -21.14 -14.96
CA PRO A 432 -4.50 -19.80 -15.24
C PRO A 432 -3.67 -19.26 -14.09
N LEU A 433 -2.58 -18.57 -14.45
CA LEU A 433 -1.68 -17.80 -13.58
C LEU A 433 -0.71 -18.67 -12.77
N PHE A 434 -1.12 -19.88 -12.39
CA PHE A 434 -0.21 -20.78 -11.70
C PHE A 434 -0.66 -22.20 -11.97
N GLN A 435 0.30 -23.12 -11.98
CA GLN A 435 0.00 -24.55 -12.10
C GLN A 435 0.62 -25.38 -10.99
N THR A 436 1.38 -24.77 -10.09
CA THR A 436 1.87 -25.43 -8.88
C THR A 436 1.31 -24.69 -7.68
N MET A 437 0.66 -25.43 -6.78
CA MET A 437 0.12 -24.87 -5.53
C MET A 437 0.93 -25.41 -4.36
N VAL A 438 1.12 -24.57 -3.34
CA VAL A 438 1.76 -24.98 -2.09
C VAL A 438 0.87 -24.53 -0.95
N SER A 439 0.69 -25.42 0.04
CA SER A 439 -0.09 -25.06 1.22
C SER A 439 0.48 -25.76 2.44
N TYR A 440 0.10 -25.21 3.59
CA TYR A 440 0.33 -25.81 4.90
C TYR A 440 -1.04 -26.18 5.47
N GLN A 441 -1.16 -27.38 6.00
CA GLN A 441 -2.39 -27.81 6.64
C GLN A 441 -2.07 -28.47 7.97
N ARG A 442 -3.03 -28.43 8.89
CA ARG A 442 -2.86 -29.06 10.20
C ARG A 442 -4.15 -29.78 10.56
N ARG A 443 -4.05 -31.10 10.75
CA ARG A 443 -5.23 -31.91 11.04
C ARG A 443 -5.68 -31.70 12.48
N PRO A 444 -6.96 -31.98 12.76
CA PRO A 444 -7.49 -31.77 14.12
C PRO A 444 -6.75 -32.60 15.16
N SER A 445 -6.64 -32.03 16.35
CA SER A 445 -6.14 -32.73 17.52
C SER A 445 -7.31 -33.28 18.32
N ASP A 446 -7.00 -34.24 19.20
CA ASP A 446 -7.98 -34.84 20.11
C ASP A 446 -9.20 -35.37 19.35
N VAL A 447 -8.94 -36.17 18.32
CA VAL A 447 -9.99 -36.86 17.57
C VAL A 447 -9.71 -38.35 17.62
N ASP A 448 -9.04 -38.76 18.69
CA ASP A 448 -8.72 -40.14 18.95
C ASP A 448 -9.79 -40.92 19.71
N ARG A 449 -10.86 -40.29 20.19
CA ARG A 449 -11.89 -41.04 20.93
C ARG A 449 -13.30 -40.64 20.54
N LEU A 450 -13.56 -40.51 19.25
CA LEU A 450 -14.87 -40.09 18.80
C LEU A 450 -15.83 -41.26 18.78
N PHE A 451 -17.12 -40.94 18.90
CA PHE A 451 -18.23 -41.90 18.81
C PHE A 451 -18.18 -42.96 19.91
N GLY A 452 -17.50 -42.68 21.01
CA GLY A 452 -17.35 -43.65 22.06
C GLY A 452 -16.46 -44.83 21.70
N ALA A 453 -15.56 -44.65 20.73
CA ALA A 453 -14.67 -45.73 20.31
C ALA A 453 -13.26 -45.17 20.21
N ALA A 454 -12.36 -45.97 19.65
CA ALA A 454 -11.00 -45.54 19.36
C ALA A 454 -10.92 -45.16 17.89
N THR A 455 -10.44 -43.95 17.61
CA THR A 455 -10.51 -43.40 16.26
C THR A 455 -9.18 -42.79 15.84
N ARG A 456 -8.99 -42.70 14.52
CA ARG A 456 -7.83 -41.99 14.00
C ARG A 456 -8.08 -41.63 12.53
N LEU A 457 -7.57 -40.47 12.13
CA LEU A 457 -7.76 -40.01 10.77
C LEU A 457 -6.94 -40.89 9.81
N VAL A 458 -7.46 -41.09 8.61
CA VAL A 458 -6.69 -41.77 7.58
C VAL A 458 -6.67 -40.88 6.35
N GLU A 459 -5.51 -40.74 5.73
CA GLU A 459 -5.39 -39.92 4.55
C GLU A 459 -5.80 -40.73 3.32
N VAL A 460 -6.31 -40.03 2.32
CA VAL A 460 -6.93 -40.65 1.15
C VAL A 460 -6.01 -40.42 -0.04
N PRO A 461 -5.62 -41.46 -0.77
CA PRO A 461 -4.79 -41.27 -1.97
C PRO A 461 -5.60 -40.87 -3.18
N LEU A 462 -5.78 -39.57 -3.37
CA LEU A 462 -6.65 -39.02 -4.41
C LEU A 462 -6.38 -39.61 -5.79
N ASP A 463 -7.47 -39.88 -6.51
CA ASP A 463 -7.45 -40.34 -7.91
C ASP A 463 -7.49 -39.17 -8.90
N THR A 464 -7.60 -37.94 -8.41
CA THR A 464 -7.76 -36.74 -9.22
C THR A 464 -6.65 -35.76 -8.90
N ALA A 465 -6.56 -34.71 -9.70
CA ALA A 465 -5.61 -33.62 -9.47
C ALA A 465 -6.20 -32.32 -10.00
N LYS A 466 -5.93 -31.22 -9.30
CA LYS A 466 -6.48 -29.93 -9.70
C LYS A 466 -5.56 -29.15 -10.63
N PHE A 467 -4.25 -29.28 -10.46
CA PHE A 467 -3.27 -28.46 -11.16
C PHE A 467 -2.25 -29.39 -11.79
N ASP A 468 -1.08 -28.85 -12.14
CA ASP A 468 0.04 -29.71 -12.51
C ASP A 468 0.63 -30.37 -11.27
N LEU A 469 0.89 -29.58 -10.24
CA LEU A 469 1.49 -30.03 -9.00
C LEU A 469 0.84 -29.31 -7.82
N GLU A 470 0.55 -30.04 -6.76
CA GLU A 470 0.08 -29.43 -5.51
C GLU A 470 0.83 -30.03 -4.33
N PHE A 471 1.72 -29.23 -3.72
CA PHE A 471 2.47 -29.65 -2.53
C PHE A 471 1.76 -29.17 -1.28
N ALA A 472 1.64 -30.06 -0.29
CA ALA A 472 1.04 -29.73 0.99
C ALA A 472 1.93 -30.27 2.10
N PHE A 473 2.34 -29.39 3.00
CA PHE A 473 3.00 -29.77 4.25
C PHE A 473 1.89 -29.98 5.27
N ILE A 474 1.69 -31.24 5.67
CA ILE A 474 0.53 -31.61 6.48
C ILE A 474 1.00 -32.10 7.83
N GLU A 475 0.61 -31.38 8.89
CA GLU A 475 0.85 -31.81 10.26
C GLU A 475 -0.35 -32.61 10.73
N ASP A 476 -0.09 -33.72 11.42
CA ASP A 476 -1.15 -34.69 11.73
C ASP A 476 -1.92 -34.42 13.03
N GLY A 477 -1.61 -33.35 13.77
CA GLY A 477 -2.34 -33.03 14.98
C GLY A 477 -1.74 -33.60 16.26
N HIS A 478 -0.74 -34.46 16.12
CA HIS A 478 -0.03 -35.10 17.22
C HIS A 478 1.45 -35.27 16.87
N GLY A 479 2.07 -34.13 16.53
CA GLY A 479 3.50 -33.97 16.45
C GLY A 479 4.12 -34.31 15.10
N GLY A 480 3.50 -35.21 14.34
CA GLY A 480 4.08 -35.67 13.10
C GLY A 480 3.75 -34.78 11.92
N ALA A 481 4.40 -35.06 10.79
CA ALA A 481 4.16 -34.30 9.58
C ALA A 481 4.65 -35.09 8.38
N HIS A 482 4.05 -34.80 7.23
CA HIS A 482 4.51 -35.37 5.96
C HIS A 482 4.21 -34.37 4.86
N ILE A 483 4.91 -34.53 3.73
CA ILE A 483 4.65 -33.75 2.53
C ILE A 483 3.82 -34.59 1.59
N ALA A 484 2.74 -34.03 1.07
CA ALA A 484 1.88 -34.69 0.11
C ALA A 484 1.96 -33.96 -1.22
N LEU A 485 2.19 -34.71 -2.29
CA LEU A 485 2.22 -34.16 -3.64
C LEU A 485 1.07 -34.76 -4.42
N ASN A 486 0.08 -33.93 -4.74
CA ASN A 486 -1.02 -34.29 -5.65
C ASN A 486 -0.61 -33.80 -7.03
N TYR A 487 -0.32 -34.73 -7.94
CA TYR A 487 0.23 -34.44 -9.25
C TYR A 487 -0.74 -34.84 -10.35
N ALA A 488 -0.67 -34.13 -11.48
CA ALA A 488 -1.45 -34.45 -12.66
C ALA A 488 -0.86 -35.66 -13.38
N ALA A 489 -1.64 -36.74 -13.45
CA ALA A 489 -1.20 -37.96 -14.13
C ALA A 489 -0.94 -37.75 -15.61
N ASP A 490 -1.58 -36.75 -16.23
CA ASP A 490 -1.29 -36.45 -17.64
C ASP A 490 0.16 -36.04 -17.83
N LEU A 491 0.79 -35.46 -16.81
CA LEU A 491 2.13 -34.92 -16.95
C LEU A 491 3.21 -35.77 -16.30
N PHE A 492 2.90 -36.47 -15.21
CA PHE A 492 3.91 -37.14 -14.40
C PHE A 492 3.55 -38.58 -14.17
N ASP A 493 4.56 -39.45 -14.23
CA ASP A 493 4.44 -40.79 -13.71
C ASP A 493 4.58 -40.78 -12.19
N HIS A 494 3.98 -41.77 -11.54
CA HIS A 494 4.02 -41.85 -10.08
C HIS A 494 5.46 -41.86 -9.56
N ASP A 495 6.34 -42.61 -10.20
CA ASP A 495 7.71 -42.68 -9.69
C ASP A 495 8.43 -41.35 -9.82
N SER A 496 8.11 -40.56 -10.84
CA SER A 496 8.65 -39.21 -10.94
C SER A 496 8.13 -38.33 -9.80
N ALA A 497 6.87 -38.54 -9.41
CA ALA A 497 6.30 -37.74 -8.32
C ALA A 497 6.96 -38.10 -7.00
N GLU A 498 7.21 -39.39 -6.77
CA GLU A 498 7.93 -39.82 -5.59
C GLU A 498 9.32 -39.20 -5.53
N GLN A 499 10.00 -39.11 -6.67
CA GLN A 499 11.32 -38.48 -6.71
C GLN A 499 11.23 -36.99 -6.42
N LEU A 500 10.19 -36.33 -6.95
CA LEU A 500 10.04 -34.89 -6.74
C LEU A 500 9.84 -34.56 -5.26
N VAL A 501 8.95 -35.31 -4.61
CA VAL A 501 8.63 -35.01 -3.22
C VAL A 501 9.80 -35.38 -2.31
N ALA A 502 10.58 -36.41 -2.69
CA ALA A 502 11.81 -36.70 -1.95
C ALA A 502 12.82 -35.58 -2.11
N ARG A 503 12.90 -35.01 -3.33
CA ARG A 503 13.80 -33.88 -3.55
C ARG A 503 13.39 -32.66 -2.73
N LEU A 504 12.08 -32.44 -2.58
CA LEU A 504 11.64 -31.33 -1.73
C LEU A 504 12.10 -31.54 -0.29
N ARG A 505 12.02 -32.77 0.21
CA ARG A 505 12.54 -33.07 1.54
C ARG A 505 14.04 -32.77 1.61
N THR A 506 14.79 -33.14 0.57
CA THR A 506 16.22 -32.88 0.54
C THR A 506 16.52 -31.38 0.58
N VAL A 507 15.73 -30.58 -0.14
CA VAL A 507 15.91 -29.12 -0.10
C VAL A 507 15.70 -28.61 1.32
N LEU A 508 14.63 -29.07 1.98
CA LEU A 508 14.36 -28.68 3.35
C LEU A 508 15.51 -29.11 4.27
N GLU A 509 16.01 -30.33 4.08
CA GLU A 509 17.10 -30.80 4.93
C GLU A 509 18.34 -29.96 4.74
N HIS A 510 18.68 -29.64 3.50
CA HIS A 510 19.84 -28.80 3.24
C HIS A 510 19.64 -27.41 3.83
N ALA A 511 18.41 -26.90 3.76
CA ALA A 511 18.12 -25.54 4.23
C ALA A 511 18.27 -25.43 5.74
N CYS A 512 17.82 -26.45 6.48
CA CYS A 512 17.99 -26.42 7.93
C CYS A 512 19.45 -26.57 8.32
N ALA A 513 20.19 -27.40 7.58
CA ALA A 513 21.58 -27.66 7.90
C ALA A 513 22.43 -26.41 7.77
N ASP A 514 22.26 -25.65 6.69
CA ASP A 514 23.01 -24.42 6.47
C ASP A 514 22.17 -23.48 5.61
N PRO A 515 21.41 -22.58 6.23
CA PRO A 515 20.64 -21.60 5.46
C PRO A 515 21.48 -20.57 4.71
N CYS A 516 22.79 -20.51 4.97
CA CYS A 516 23.65 -19.52 4.33
C CYS A 516 24.26 -20.02 3.03
N ARG A 517 24.00 -21.25 2.64
CA ARG A 517 24.50 -21.71 1.34
C ARG A 517 23.65 -21.15 0.21
N PRO A 518 24.23 -20.94 -0.96
CA PRO A 518 23.45 -20.38 -2.08
C PRO A 518 22.40 -21.37 -2.57
N VAL A 519 21.22 -20.84 -2.89
CA VAL A 519 20.20 -21.56 -3.65
C VAL A 519 20.77 -22.04 -4.96
N VAL B 1 0.68 17.45 1.76
CA VAL B 1 0.36 17.47 0.34
C VAL B 1 -0.82 18.40 0.07
N THR B 2 -0.57 19.46 -0.69
CA THR B 2 -1.59 20.44 -1.02
C THR B 2 -2.57 19.93 -2.08
N ALA B 3 -2.22 18.85 -2.80
CA ALA B 3 -3.09 18.36 -3.87
C ALA B 3 -4.42 17.87 -3.34
N TYR B 4 -4.43 17.22 -2.17
CA TYR B 4 -5.70 16.85 -1.55
C TYR B 4 -6.57 18.07 -1.30
N GLU B 5 -5.97 19.11 -0.73
CA GLU B 5 -6.73 20.33 -0.45
C GLU B 5 -7.37 20.90 -1.72
N GLU B 6 -6.61 20.94 -2.82
CA GLU B 6 -7.17 21.49 -4.06
C GLU B 6 -8.31 20.63 -4.59
N ILE B 7 -8.18 19.30 -4.48
CA ILE B 7 -9.24 18.43 -4.96
C ILE B 7 -10.50 18.61 -4.14
N VAL B 8 -10.37 18.75 -2.82
CA VAL B 8 -11.55 18.93 -1.97
C VAL B 8 -12.26 20.23 -2.31
N CYS B 9 -11.51 21.34 -2.40
CA CYS B 9 -12.09 22.61 -2.83
C CYS B 9 -12.87 22.44 -4.12
N GLN B 10 -12.25 21.77 -5.09
CA GLN B 10 -12.88 21.46 -6.37
C GLN B 10 -14.21 20.75 -6.20
N VAL B 11 -14.28 19.78 -5.28
CA VAL B 11 -15.52 19.03 -5.08
C VAL B 11 -16.55 19.87 -4.34
N PHE B 12 -16.13 20.58 -3.28
CA PHE B 12 -17.02 21.53 -2.62
C PHE B 12 -17.65 22.47 -3.62
N ALA B 13 -16.82 23.09 -4.46
CA ALA B 13 -17.30 24.11 -5.40
C ALA B 13 -18.32 23.53 -6.37
N ALA B 14 -18.04 22.34 -6.92
CA ALA B 14 -18.97 21.75 -7.88
C ALA B 14 -20.30 21.38 -7.22
N VAL B 15 -20.25 20.80 -6.02
CA VAL B 15 -21.48 20.32 -5.38
C VAL B 15 -22.31 21.49 -4.87
N LEU B 16 -21.67 22.48 -4.26
CA LEU B 16 -22.39 23.62 -3.72
C LEU B 16 -22.74 24.65 -4.79
N ASP B 17 -22.18 24.51 -5.99
CA ASP B 17 -22.28 25.50 -7.06
C ASP B 17 -21.92 26.89 -6.54
N ARG B 18 -20.68 27.01 -6.08
CA ARG B 18 -20.15 28.27 -5.58
C ARG B 18 -18.74 28.47 -6.11
N SER B 19 -18.38 29.74 -6.28
CA SER B 19 -17.09 30.12 -6.83
C SER B 19 -16.11 30.60 -5.78
N ASP B 20 -16.51 30.65 -4.52
CA ASP B 20 -15.75 31.33 -3.47
C ASP B 20 -15.31 30.35 -2.39
N VAL B 21 -14.96 29.13 -2.78
CA VAL B 21 -14.48 28.13 -1.83
C VAL B 21 -12.98 28.33 -1.61
N THR B 22 -12.58 28.46 -0.34
CA THR B 22 -11.20 28.50 0.05
C THR B 22 -10.92 27.36 1.02
N ALA B 23 -9.64 27.15 1.31
CA ALA B 23 -9.22 26.03 2.15
C ALA B 23 -9.80 26.08 3.56
N ASP B 24 -10.31 27.24 3.99
CA ASP B 24 -10.83 27.39 5.34
C ASP B 24 -12.35 27.55 5.38
N ALA B 25 -13.03 27.37 4.24
CA ALA B 25 -14.47 27.52 4.18
C ALA B 25 -15.17 26.28 4.73
N ASP B 26 -16.10 26.48 5.67
CA ASP B 26 -16.84 25.39 6.26
C ASP B 26 -17.93 24.93 5.30
N PHE B 27 -17.99 23.62 5.06
CA PHE B 27 -18.94 23.05 4.11
C PHE B 27 -20.38 23.48 4.41
N PHE B 28 -20.78 23.37 5.68
CA PHE B 28 -22.17 23.67 6.03
C PHE B 28 -22.43 25.17 6.02
N ALA B 29 -21.45 25.98 6.43
CA ALA B 29 -21.58 27.43 6.35
C ALA B 29 -21.80 27.87 4.91
N LEU B 30 -21.18 27.18 3.95
CA LEU B 30 -21.34 27.49 2.53
C LEU B 30 -22.70 27.10 1.98
N GLY B 31 -23.62 26.62 2.82
CA GLY B 31 -24.90 26.15 2.36
C GLY B 31 -25.02 24.65 2.20
N GLY B 32 -24.03 23.89 2.65
CA GLY B 32 -24.15 22.45 2.65
C GLY B 32 -24.90 21.91 3.84
N HIS B 33 -25.38 20.68 3.72
CA HIS B 33 -26.16 20.04 4.77
C HIS B 33 -26.03 18.53 4.57
N SER B 34 -26.75 17.77 5.41
CA SER B 34 -26.60 16.32 5.41
C SER B 34 -26.97 15.71 4.06
N LEU B 35 -27.92 16.30 3.34
CA LEU B 35 -28.29 15.76 2.04
C LEU B 35 -27.16 15.90 1.03
N LEU B 36 -26.61 17.12 0.92
CA LEU B 36 -25.53 17.35 -0.06
C LEU B 36 -24.23 16.68 0.35
N SER B 37 -24.05 16.35 1.65
CA SER B 37 -22.82 15.70 2.08
C SER B 37 -22.62 14.37 1.36
N LEU B 38 -23.71 13.68 1.02
CA LEU B 38 -23.59 12.41 0.31
C LEU B 38 -22.92 12.61 -1.06
N ARG B 39 -23.15 13.76 -1.69
CA ARG B 39 -22.65 13.98 -3.04
C ARG B 39 -21.15 14.30 -3.04
N VAL B 40 -20.66 15.03 -2.04
CA VAL B 40 -19.22 15.27 -1.99
C VAL B 40 -18.47 13.99 -1.63
N VAL B 41 -19.07 13.15 -0.78
CA VAL B 41 -18.45 11.87 -0.43
C VAL B 41 -18.33 10.97 -1.65
N ALA B 42 -19.40 10.87 -2.44
CA ALA B 42 -19.36 10.08 -3.67
C ALA B 42 -18.23 10.56 -4.57
N ARG B 43 -18.15 11.87 -4.82
CA ARG B 43 -17.17 12.40 -5.75
C ARG B 43 -15.74 12.18 -5.26
N LEU B 44 -15.49 12.45 -3.98
CA LEU B 44 -14.14 12.26 -3.44
C LEU B 44 -13.72 10.80 -3.50
N ARG B 45 -14.67 9.90 -3.25
CA ARG B 45 -14.41 8.48 -3.42
C ARG B 45 -13.91 8.16 -4.83
N ALA B 46 -14.66 8.62 -5.84
CA ALA B 46 -14.33 8.31 -7.23
C ALA B 46 -13.03 8.98 -7.67
N LEU B 47 -12.72 10.15 -7.12
CA LEU B 47 -11.53 10.88 -7.56
C LEU B 47 -10.27 10.38 -6.85
N LEU B 48 -10.30 10.30 -5.52
CA LEU B 48 -9.12 9.96 -4.74
C LEU B 48 -8.95 8.47 -4.50
N GLY B 49 -9.99 7.68 -4.74
CA GLY B 49 -9.89 6.24 -4.56
C GLY B 49 -9.60 5.77 -3.15
N VAL B 50 -9.93 6.57 -2.14
CA VAL B 50 -9.78 6.14 -0.75
C VAL B 50 -11.15 6.18 -0.09
N ASP B 51 -11.30 5.40 0.98
CA ASP B 51 -12.56 5.30 1.72
C ASP B 51 -12.79 6.61 2.47
N VAL B 52 -13.63 7.49 1.91
CA VAL B 52 -14.07 8.68 2.63
C VAL B 52 -15.49 8.38 3.11
N GLY B 53 -15.89 9.03 4.20
CA GLY B 53 -17.24 8.88 4.69
C GLY B 53 -17.82 10.22 5.10
N VAL B 54 -19.16 10.24 5.17
CA VAL B 54 -19.84 11.36 5.82
C VAL B 54 -19.18 11.69 7.15
N ARG B 55 -18.72 10.65 7.86
CA ARG B 55 -17.97 10.86 9.09
C ARG B 55 -16.85 11.88 8.93
N ASP B 56 -15.92 11.59 8.01
CA ASP B 56 -14.77 12.46 7.79
C ASP B 56 -15.19 13.89 7.51
N LEU B 57 -16.24 14.08 6.72
CA LEU B 57 -16.69 15.41 6.37
C LEU B 57 -17.27 16.14 7.58
N PHE B 58 -18.01 15.43 8.43
CA PHE B 58 -18.56 16.04 9.64
C PHE B 58 -17.44 16.45 10.59
N GLU B 59 -16.46 15.55 10.78
CA GLU B 59 -15.31 15.86 11.61
C GLU B 59 -14.47 16.99 11.01
N ALA B 60 -14.35 17.01 9.69
CA ALA B 60 -13.44 17.91 8.99
C ALA B 60 -14.20 18.64 7.90
N PRO B 61 -14.97 19.68 8.25
CA PRO B 61 -15.84 20.34 7.27
C PRO B 61 -15.17 21.39 6.39
N THR B 62 -13.85 21.62 6.55
CA THR B 62 -13.19 22.53 5.62
C THR B 62 -12.21 21.75 4.75
N PRO B 63 -11.94 22.22 3.52
CA PRO B 63 -11.02 21.48 2.65
C PRO B 63 -9.67 21.23 3.28
N ALA B 64 -9.11 22.22 3.99
CA ALA B 64 -7.84 22.01 4.68
C ALA B 64 -7.96 20.90 5.73
N ALA B 65 -8.99 21.00 6.58
CA ALA B 65 -9.19 19.97 7.60
C ALA B 65 -9.43 18.61 6.98
N LEU B 66 -10.27 18.55 5.93
CA LEU B 66 -10.58 17.26 5.32
C LEU B 66 -9.37 16.70 4.59
N ALA B 67 -8.56 17.56 3.96
CA ALA B 67 -7.32 17.10 3.34
C ALA B 67 -6.34 16.59 4.39
N ALA B 68 -6.14 17.36 5.46
CA ALA B 68 -5.27 16.92 6.55
C ALA B 68 -5.77 15.61 7.14
N ARG B 69 -7.08 15.44 7.21
CA ARG B 69 -7.64 14.21 7.76
C ARG B 69 -7.33 13.01 6.87
N LEU B 70 -7.42 13.19 5.56
CA LEU B 70 -7.13 12.10 4.62
C LEU B 70 -5.64 11.82 4.59
N ARG B 77 -0.47 9.91 12.30
CA ARG B 77 0.61 10.88 12.50
C ARG B 77 0.26 11.88 13.59
N PRO B 78 1.14 12.04 14.57
CA PRO B 78 0.82 12.90 15.71
C PRO B 78 0.81 14.37 15.31
N ALA B 79 -0.04 15.12 16.00
CA ALA B 79 -0.08 16.57 15.85
C ALA B 79 1.22 17.19 16.37
N VAL B 80 1.61 18.30 15.75
CA VAL B 80 2.79 19.03 16.21
C VAL B 80 2.50 19.62 17.58
N THR B 81 3.40 19.37 18.53
CA THR B 81 3.28 19.93 19.86
C THR B 81 4.41 20.91 20.14
N ARG B 82 4.04 22.04 20.74
CA ARG B 82 5.01 23.02 21.21
C ARG B 82 5.87 22.41 22.30
N ARG B 83 7.19 22.43 22.09
CA ARG B 83 8.10 21.97 23.13
C ARG B 83 8.39 23.10 24.10
N GLY B 84 9.16 22.80 25.15
CA GLY B 84 9.44 23.76 26.19
C GLY B 84 10.30 24.91 25.72
N PRO B 85 10.30 26.02 26.47
CA PRO B 85 11.16 27.15 26.11
C PRO B 85 12.64 26.82 26.18
N ASP B 86 13.03 25.84 26.97
CA ASP B 86 14.42 25.42 27.08
C ASP B 86 14.80 24.38 26.05
N ALA B 87 13.90 24.08 25.09
CA ALA B 87 14.15 23.02 24.13
C ALA B 87 15.21 23.46 23.12
N PRO B 88 16.15 22.58 22.77
CA PRO B 88 17.18 22.93 21.80
C PRO B 88 16.64 22.89 20.38
N PRO B 89 17.28 23.59 19.45
CA PRO B 89 16.80 23.56 18.06
C PRO B 89 17.00 22.20 17.42
N VAL B 90 16.14 21.90 16.43
CA VAL B 90 16.19 20.62 15.74
C VAL B 90 16.18 20.86 14.25
N LEU B 91 17.23 20.41 13.55
CA LEU B 91 17.29 20.50 12.10
C LEU B 91 16.42 19.41 11.50
N SER B 92 15.45 19.81 10.68
CA SER B 92 14.70 18.80 9.96
C SER B 92 15.58 18.17 8.89
N HIS B 93 15.18 16.98 8.45
CA HIS B 93 15.96 16.32 7.39
C HIS B 93 15.84 17.06 6.06
N PHE B 94 14.74 17.78 5.84
CA PHE B 94 14.68 18.72 4.71
C PHE B 94 15.83 19.70 4.76
N GLN B 95 16.03 20.31 5.92
CA GLN B 95 17.11 21.26 6.09
C GLN B 95 18.46 20.60 5.91
N ARG B 96 18.60 19.35 6.38
CA ARG B 96 19.87 18.65 6.23
C ARG B 96 20.16 18.36 4.76
N GLY B 97 19.12 18.00 4.00
CA GLY B 97 19.30 17.79 2.57
C GLY B 97 19.75 19.05 1.85
N LEU B 98 19.14 20.20 2.18
CA LEU B 98 19.55 21.46 1.58
C LEU B 98 20.99 21.79 1.92
N TRP B 99 21.34 21.67 3.22
CA TRP B 99 22.72 21.88 3.65
C TRP B 99 23.67 20.94 2.91
N LEU B 100 23.24 19.70 2.68
CA LEU B 100 24.09 18.73 2.01
C LEU B 100 24.37 19.13 0.57
N ILE B 101 23.33 19.48 -0.19
CA ILE B 101 23.55 19.70 -1.63
C ILE B 101 24.44 20.90 -1.86
N GLU B 102 24.39 21.90 -0.98
CA GLU B 102 25.34 23.01 -1.11
C GLU B 102 26.76 22.55 -0.84
N GLN B 103 26.96 21.74 0.21
CA GLN B 103 28.31 21.27 0.52
C GLN B 103 28.84 20.36 -0.58
N VAL B 104 28.00 19.47 -1.09
CA VAL B 104 28.47 18.44 -2.02
C VAL B 104 28.56 19.00 -3.44
N TYR B 105 27.52 19.72 -3.87
CA TYR B 105 27.43 20.17 -5.26
C TYR B 105 27.83 21.63 -5.47
N GLN B 106 28.07 22.40 -4.41
CA GLN B 106 28.64 23.75 -4.50
C GLN B 106 27.79 24.66 -5.39
N THR B 107 26.63 25.05 -4.86
CA THR B 107 25.57 25.64 -5.67
C THR B 107 25.56 27.17 -5.72
N ARG B 108 26.43 27.85 -4.96
CA ARG B 108 26.75 29.27 -5.19
C ARG B 108 25.51 30.19 -5.18
N GLY B 109 24.61 29.97 -4.23
CA GLY B 109 23.45 30.84 -4.11
C GLY B 109 22.25 30.44 -4.95
N ALA B 110 22.32 29.32 -5.67
CA ALA B 110 21.18 28.86 -6.44
C ALA B 110 19.99 28.51 -5.55
N TYR B 111 20.22 28.23 -4.28
CA TYR B 111 19.19 27.87 -3.33
C TYR B 111 18.78 29.03 -2.43
N ASN B 112 19.04 30.27 -2.85
CA ASN B 112 18.49 31.43 -2.18
C ASN B 112 17.13 31.74 -2.80
N VAL B 113 16.17 32.09 -1.97
CA VAL B 113 14.80 32.34 -2.45
C VAL B 113 14.48 33.83 -2.28
N PRO B 114 14.09 34.53 -3.34
CA PRO B 114 13.80 35.96 -3.23
C PRO B 114 12.32 36.24 -3.02
N LEU B 115 12.00 37.33 -2.34
CA LEU B 115 10.64 37.85 -2.29
C LEU B 115 10.74 39.36 -2.40
N ALA B 116 10.26 39.92 -3.51
CA ALA B 116 10.43 41.34 -3.78
C ALA B 116 9.08 42.02 -3.92
N VAL B 117 8.93 43.17 -3.27
CA VAL B 117 7.68 43.92 -3.26
C VAL B 117 8.00 45.35 -3.65
N HIS B 118 7.31 45.86 -4.66
CA HIS B 118 7.40 47.27 -4.96
C HIS B 118 6.51 48.04 -4.00
N VAL B 119 7.04 49.10 -3.41
CA VAL B 119 6.32 49.91 -2.42
C VAL B 119 6.24 51.33 -2.97
N SER B 120 5.04 51.91 -2.95
CA SER B 120 4.86 53.25 -3.51
C SER B 120 5.57 54.32 -2.69
N ASP B 121 5.82 54.05 -1.41
CA ASP B 121 6.60 54.92 -0.54
C ASP B 121 7.98 54.32 -0.32
N ARG B 122 8.98 55.19 -0.23
CA ARG B 122 10.26 54.76 0.29
C ARG B 122 10.11 54.47 1.79
N LEU B 123 10.53 53.29 2.22
CA LEU B 123 10.34 52.93 3.61
C LEU B 123 11.43 53.56 4.49
N ASP B 124 11.14 53.59 5.78
CA ASP B 124 12.08 54.09 6.78
C ASP B 124 13.03 52.98 7.18
N LEU B 125 14.33 53.17 6.93
CA LEU B 125 15.32 52.11 7.17
C LEU B 125 15.36 51.69 8.62
N ASP B 126 15.23 52.64 9.56
CA ASP B 126 15.32 52.28 10.97
C ASP B 126 14.07 51.57 11.46
N VAL B 127 12.89 51.98 10.96
CA VAL B 127 11.67 51.26 11.30
C VAL B 127 11.69 49.87 10.67
N LEU B 128 12.16 49.77 9.42
CA LEU B 128 12.29 48.48 8.75
C LEU B 128 13.21 47.54 9.52
N ARG B 129 14.38 48.06 9.94
CA ARG B 129 15.30 47.24 10.72
C ARG B 129 14.66 46.77 12.01
N ALA B 130 13.92 47.65 12.70
CA ALA B 130 13.23 47.21 13.91
C ALA B 130 12.21 46.13 13.60
N ALA B 131 11.48 46.27 12.49
CA ALA B 131 10.46 45.28 12.14
C ALA B 131 11.09 43.95 11.79
N VAL B 132 12.24 43.96 11.12
CA VAL B 132 12.93 42.72 10.78
C VAL B 132 13.39 42.00 12.05
N ARG B 133 13.84 42.77 13.06
CA ARG B 133 14.17 42.19 14.36
C ARG B 133 12.96 41.50 14.97
N ASP B 134 11.80 42.16 14.95
CA ASP B 134 10.58 41.53 15.44
C ASP B 134 10.28 40.24 14.68
N LEU B 135 10.39 40.29 13.35
CA LEU B 135 10.18 39.11 12.52
C LEU B 135 11.08 37.97 12.95
N VAL B 136 12.38 38.24 13.06
CA VAL B 136 13.35 37.21 13.41
C VAL B 136 13.12 36.71 14.83
N ALA B 137 12.70 37.59 15.74
CA ALA B 137 12.39 37.15 17.10
C ALA B 137 11.19 36.21 17.13
N ARG B 138 10.21 36.45 16.26
CA ARG B 138 8.99 35.64 16.23
C ARG B 138 9.27 34.24 15.67
N HIS B 139 10.00 34.16 14.55
CA HIS B 139 10.26 32.89 13.86
C HIS B 139 11.69 32.44 14.15
N GLU B 140 11.83 31.40 14.99
CA GLU B 140 13.15 30.92 15.38
C GLU B 140 13.96 30.42 14.18
N VAL B 141 13.29 29.89 13.14
CA VAL B 141 14.02 29.37 11.99
C VAL B 141 14.83 30.45 11.30
N LEU B 142 14.41 31.71 11.43
CA LEU B 142 15.11 32.83 10.80
C LEU B 142 16.34 33.28 11.55
N ARG B 143 16.58 32.77 12.76
CA ARG B 143 17.79 33.12 13.51
C ARG B 143 18.51 31.86 13.97
N THR B 144 18.37 30.78 13.22
CA THR B 144 19.04 29.52 13.51
C THR B 144 20.21 29.34 12.54
N LEU B 145 21.42 29.30 13.08
CA LEU B 145 22.60 29.06 12.26
C LEU B 145 22.80 27.57 12.06
N VAL B 146 23.63 27.24 11.07
CA VAL B 146 23.98 25.85 10.78
C VAL B 146 25.49 25.78 10.68
N ARG B 147 26.11 25.04 11.60
CA ARG B 147 27.55 24.88 11.63
C ARG B 147 27.91 23.44 11.30
N SER B 148 29.02 23.28 10.59
CA SER B 148 29.53 21.94 10.28
C SER B 148 30.35 21.40 11.43
N GLY B 152 28.21 15.88 9.89
CA GLY B 152 26.92 16.51 9.61
C GLY B 152 26.76 17.89 10.22
N PRO B 153 25.68 18.58 9.88
CA PRO B 153 25.44 19.91 10.43
C PRO B 153 24.68 19.86 11.74
N ASP B 154 24.90 20.89 12.56
CA ASP B 154 24.11 21.00 13.78
C ASP B 154 23.68 22.46 13.97
N PRO B 155 22.44 22.68 14.38
CA PRO B 155 21.91 24.05 14.43
C PRO B 155 22.36 24.79 15.67
N VAL B 156 22.40 26.11 15.55
CA VAL B 156 22.69 27.00 16.67
C VAL B 156 21.62 28.08 16.66
N LEU B 157 20.72 28.04 17.64
CA LEU B 157 19.65 29.03 17.74
C LEU B 157 20.19 30.28 18.44
N LEU B 158 20.23 31.38 17.71
CA LEU B 158 20.63 32.65 18.30
C LEU B 158 19.47 33.23 19.09
N ALA B 159 19.80 33.78 20.27
CA ALA B 159 18.81 34.56 20.99
C ALA B 159 18.49 35.83 20.22
N PRO B 160 17.28 36.37 20.38
CA PRO B 160 16.93 37.61 19.64
C PRO B 160 17.93 38.73 19.84
N GLU B 161 18.48 38.87 21.05
CA GLU B 161 19.45 39.92 21.32
C GLU B 161 20.77 39.68 20.60
N ASP B 162 21.10 38.41 20.33
CA ASP B 162 22.37 38.08 19.68
C ASP B 162 22.24 37.92 18.16
N ALA B 163 21.02 37.98 17.62
CA ALA B 163 20.82 37.81 16.18
C ALA B 163 21.01 39.16 15.50
N ALA B 164 22.14 39.33 14.84
CA ALA B 164 22.42 40.55 14.10
C ALA B 164 21.70 40.48 12.76
N VAL B 165 20.63 41.26 12.61
CA VAL B 165 19.88 41.28 11.36
C VAL B 165 20.66 42.10 10.32
N ASP B 166 20.52 41.69 9.06
CA ASP B 166 21.23 42.30 7.92
C ASP B 166 20.21 43.07 7.08
N VAL B 167 20.15 44.38 7.29
CA VAL B 167 19.20 45.26 6.62
C VAL B 167 19.96 46.45 6.06
N ALA B 168 19.82 46.72 4.76
CA ALA B 168 20.60 47.78 4.14
C ALA B 168 19.84 48.37 2.95
N GLU B 169 20.07 49.65 2.70
CA GLU B 169 19.55 50.31 1.51
C GLU B 169 20.54 50.14 0.36
N VAL B 170 20.02 49.93 -0.84
CA VAL B 170 20.84 49.78 -2.03
C VAL B 170 20.37 50.76 -3.10
N GLN B 171 21.18 51.78 -3.38
CA GLN B 171 20.95 52.67 -4.50
C GLN B 171 21.19 51.97 -5.83
N ALA B 172 20.19 51.92 -6.69
CA ALA B 172 20.34 51.19 -7.95
C ALA B 172 20.94 52.12 -9.01
N ALA B 173 21.99 51.65 -9.68
CA ALA B 173 22.55 52.38 -10.81
C ALA B 173 21.89 51.98 -12.12
N GLY B 174 21.99 50.71 -12.49
CA GLY B 174 21.39 50.21 -13.71
C GLY B 174 19.99 49.69 -13.48
N PRO B 175 19.52 48.81 -14.37
CA PRO B 175 18.19 48.23 -14.22
C PRO B 175 18.04 47.47 -12.91
N VAL B 176 16.87 47.60 -12.28
CA VAL B 176 16.71 47.02 -10.96
C VAL B 176 16.47 45.52 -11.03
N ALA B 177 15.90 45.02 -12.14
CA ALA B 177 15.66 43.59 -12.27
C ALA B 177 16.96 42.81 -12.20
N ASP B 178 17.99 43.27 -12.90
CA ASP B 178 19.29 42.61 -12.82
C ASP B 178 19.87 42.75 -11.41
N LEU B 179 19.66 43.90 -10.77
CA LEU B 179 20.14 44.10 -9.42
C LEU B 179 19.47 43.16 -8.43
N LEU B 180 18.15 43.00 -8.54
CA LEU B 180 17.44 42.01 -7.72
C LEU B 180 18.05 40.63 -7.87
N ALA B 181 18.35 40.24 -9.11
CA ALA B 181 18.98 38.95 -9.37
C ALA B 181 20.34 38.84 -8.70
N GLU B 182 21.15 39.89 -8.80
CA GLU B 182 22.49 39.85 -8.21
C GLU B 182 22.42 39.77 -6.69
N LEU B 183 21.54 40.57 -6.07
CA LEU B 183 21.39 40.53 -4.62
C LEU B 183 20.88 39.16 -4.16
N THR B 184 20.00 38.55 -4.94
CA THR B 184 19.47 37.23 -4.58
C THR B 184 20.57 36.17 -4.61
N ALA B 185 21.52 36.30 -5.55
CA ALA B 185 22.53 35.27 -5.75
C ALA B 185 23.68 35.32 -4.76
N GLN B 186 23.84 36.39 -4.00
CA GLN B 186 24.94 36.48 -3.04
C GLN B 186 24.82 35.35 -2.01
N PRO B 187 25.88 34.58 -1.78
CA PRO B 187 25.77 33.42 -0.89
C PRO B 187 25.70 33.82 0.58
N PHE B 188 25.09 32.93 1.36
CA PHE B 188 25.08 32.99 2.81
C PHE B 188 26.19 32.11 3.37
N ASP B 189 26.82 32.56 4.45
CA ASP B 189 27.61 31.66 5.28
C ASP B 189 26.76 31.34 6.50
N LEU B 190 26.08 30.19 6.47
CA LEU B 190 25.11 29.86 7.51
C LEU B 190 25.75 29.52 8.85
N ALA B 191 27.08 29.43 8.93
CA ALA B 191 27.74 29.26 10.22
C ALA B 191 27.83 30.56 10.99
N THR B 192 27.74 31.71 10.31
CA THR B 192 27.94 33.01 10.95
C THR B 192 26.86 34.04 10.65
N GLN B 193 25.98 33.78 9.67
CA GLN B 193 24.98 34.74 9.23
C GLN B 193 23.60 34.10 9.34
N ILE B 194 22.63 34.85 9.87
CA ILE B 194 21.26 34.36 9.90
C ILE B 194 20.77 34.19 8.46
N PRO B 195 19.86 33.27 8.18
CA PRO B 195 19.48 32.98 6.79
C PRO B 195 18.49 33.98 6.19
N LEU B 196 18.53 35.24 6.61
CA LEU B 196 17.65 36.26 6.07
C LEU B 196 18.45 37.52 5.79
N ARG B 197 18.33 38.02 4.56
CA ARG B 197 18.91 39.29 4.14
C ARG B 197 17.78 40.19 3.64
N VAL B 198 17.80 41.45 4.03
CA VAL B 198 16.75 42.40 3.64
C VAL B 198 17.40 43.60 2.98
N ARG B 199 16.92 43.95 1.79
CA ARG B 199 17.43 45.10 1.07
C ARG B 199 16.28 45.99 0.63
N MET B 200 16.49 47.30 0.80
CA MET B 200 15.56 48.31 0.27
C MET B 200 16.27 48.99 -0.89
N ILE B 201 15.75 48.78 -2.09
CA ILE B 201 16.37 49.32 -3.28
C ILE B 201 15.70 50.64 -3.64
N THR B 202 16.51 51.70 -3.72
CA THR B 202 16.06 53.01 -4.15
C THR B 202 16.93 53.44 -5.33
N GLY B 203 16.65 54.62 -5.86
CA GLY B 203 17.39 55.10 -7.01
C GLY B 203 16.55 56.07 -7.81
N GLU B 204 17.15 56.59 -8.88
CA GLU B 204 16.51 57.71 -9.57
C GLU B 204 15.41 57.28 -10.53
N GLN B 205 15.46 56.05 -11.07
CA GLN B 205 14.34 55.57 -11.88
C GLN B 205 13.26 54.85 -11.09
N VAL B 206 13.39 54.65 -9.78
CA VAL B 206 12.43 53.85 -9.04
CA VAL B 206 12.45 53.86 -9.01
C VAL B 206 11.54 54.78 -8.20
N ASP B 207 10.23 54.56 -8.32
CA ASP B 207 9.24 55.34 -7.60
C ASP B 207 8.95 54.66 -6.27
N GLY B 208 9.36 55.28 -5.18
CA GLY B 208 9.27 54.64 -3.87
C GLY B 208 10.49 53.77 -3.60
N CYS B 209 10.27 52.46 -3.47
CA CYS B 209 11.37 51.53 -3.29
C CYS B 209 10.89 50.13 -3.65
N VAL B 210 11.87 49.24 -3.85
CA VAL B 210 11.62 47.81 -3.93
C VAL B 210 12.20 47.19 -2.67
N LEU B 211 11.35 46.50 -1.91
CA LEU B 211 11.78 45.77 -0.72
C LEU B 211 12.10 44.34 -1.16
N LEU B 212 13.34 43.94 -0.97
CA LEU B 212 13.78 42.60 -1.33
C LEU B 212 14.11 41.83 -0.07
N LEU B 213 13.40 40.71 0.12
CA LEU B 213 13.74 39.75 1.16
C LEU B 213 14.42 38.59 0.46
N VAL B 214 15.60 38.21 0.95
CA VAL B 214 16.29 37.02 0.47
C VAL B 214 16.44 36.08 1.66
N CYS B 215 15.88 34.89 1.56
CA CYS B 215 16.08 33.83 2.53
C CYS B 215 16.91 32.73 1.91
N HIS B 216 17.74 32.09 2.72
CA HIS B 216 18.25 30.79 2.32
C HIS B 216 17.09 29.80 2.39
N HIS B 217 16.91 28.97 1.34
CA HIS B 217 15.93 27.87 1.49
C HIS B 217 15.99 27.05 2.76
N ILE B 218 17.07 27.05 3.52
CA ILE B 218 17.00 26.17 4.68
C ILE B 218 15.96 26.71 5.66
N ALA B 219 15.49 27.95 5.44
CA ALA B 219 14.61 28.66 6.37
C ALA B 219 13.27 29.07 5.76
N ALA B 220 13.03 28.80 4.49
CA ALA B 220 11.81 29.31 3.87
C ALA B 220 11.52 28.57 2.58
N ASP B 221 10.25 28.21 2.40
CA ASP B 221 9.75 27.78 1.09
C ASP B 221 8.82 28.84 0.54
N GLU B 222 8.32 28.62 -0.68
CA GLU B 222 7.47 29.60 -1.33
C GLU B 222 6.17 29.82 -0.58
N TRP B 223 5.72 28.84 0.20
CA TRP B 223 4.51 29.04 0.99
C TRP B 223 4.74 29.97 2.19
N SER B 224 5.97 30.36 2.47
CA SER B 224 6.22 31.28 3.58
C SER B 224 6.08 32.74 3.19
N PHE B 225 5.88 33.03 1.90
CA PHE B 225 5.78 34.42 1.45
C PHE B 225 4.65 35.15 2.15
N ALA B 226 3.49 34.50 2.27
CA ALA B 226 2.33 35.15 2.90
C ALA B 226 2.57 35.45 4.38
N PRO B 227 2.98 34.51 5.23
CA PRO B 227 3.25 34.89 6.62
C PRO B 227 4.44 35.84 6.76
N LEU B 228 5.45 35.73 5.91
CA LEU B 228 6.56 36.70 5.93
C LEU B 228 6.04 38.12 5.73
N LEU B 229 5.17 38.31 4.73
CA LEU B 229 4.68 39.65 4.44
C LEU B 229 3.65 40.13 5.47
N ARG B 230 2.76 39.24 5.94
CA ARG B 230 1.83 39.63 7.00
C ARG B 230 2.58 40.11 8.25
N ASP B 231 3.49 39.28 8.75
CA ASP B 231 4.19 39.61 9.98
C ASP B 231 5.11 40.82 9.81
N LEU B 232 5.81 40.90 8.68
CA LEU B 232 6.63 42.10 8.44
C LEU B 232 5.77 43.35 8.39
N ASP B 233 4.62 43.28 7.72
CA ASP B 233 3.71 44.42 7.66
C ASP B 233 3.19 44.76 9.06
N THR B 234 2.77 43.75 9.82
CA THR B 234 2.30 44.00 11.19
C THR B 234 3.37 44.69 12.01
N ALA B 235 4.61 44.17 11.95
CA ALA B 235 5.67 44.71 12.79
C ALA B 235 6.13 46.09 12.31
N TYR B 236 6.28 46.28 10.99
CA TYR B 236 6.60 47.60 10.46
C TYR B 236 5.61 48.64 10.93
N ARG B 237 4.34 48.27 10.92
CA ARG B 237 3.25 49.18 11.13
C ARG B 237 3.12 49.49 12.62
N ALA B 238 3.57 48.58 13.48
CA ALA B 238 3.59 48.85 14.91
C ALA B 238 4.82 49.66 15.29
N ARG B 239 5.97 49.37 14.67
CA ARG B 239 7.20 50.08 14.98
C ARG B 239 7.17 51.51 14.45
N ALA B 240 6.47 51.76 13.34
CA ALA B 240 6.27 53.13 12.90
C ALA B 240 5.45 53.93 13.92
N ALA B 241 4.67 53.26 14.76
CA ALA B 241 3.92 53.90 15.84
C ALA B 241 4.65 53.82 17.17
N GLY B 242 5.90 53.35 17.19
CA GLY B 242 6.68 53.31 18.40
C GLY B 242 6.37 52.18 19.35
N ARG B 243 5.70 51.14 18.88
CA ARG B 243 5.30 50.01 19.72
C ARG B 243 5.79 48.72 19.11
N ALA B 244 5.94 47.73 19.97
CA ALA B 244 6.17 46.37 19.52
C ALA B 244 4.87 45.80 18.97
N PRO B 245 4.96 44.86 18.02
CA PRO B 245 3.73 44.30 17.45
C PRO B 245 2.96 43.48 18.47
N ASP B 246 1.63 43.55 18.36
CA ASP B 246 0.71 42.88 19.28
C ASP B 246 0.49 41.47 18.76
N TRP B 247 1.42 40.58 19.11
CA TRP B 247 1.43 39.22 18.61
C TRP B 247 1.02 38.22 19.68
N GLU B 248 0.13 37.32 19.33
CA GLU B 248 0.11 36.14 20.17
C GLU B 248 1.13 35.13 19.63
N PRO B 249 1.81 34.38 20.49
CA PRO B 249 2.91 33.52 20.03
C PRO B 249 2.47 32.51 18.98
N LEU B 250 3.46 32.03 18.22
CA LEU B 250 3.19 31.00 17.23
C LEU B 250 2.75 29.71 17.92
N PRO B 251 1.74 29.04 17.39
CA PRO B 251 1.38 27.72 17.95
C PRO B 251 2.52 26.72 17.87
N ALA B 252 3.43 26.86 16.92
CA ALA B 252 4.57 25.97 16.80
C ALA B 252 5.73 26.66 16.11
N GLN B 253 6.93 26.40 16.60
CA GLN B 253 8.16 26.79 15.94
C GLN B 253 8.61 25.69 14.99
N TYR B 254 9.50 26.03 14.06
CA TYR B 254 9.94 25.05 13.07
C TYR B 254 10.57 23.82 13.74
N SER B 255 11.35 24.04 14.80
CA SER B 255 11.97 22.93 15.52
C SER B 255 10.93 21.98 16.13
N ASP B 256 9.78 22.53 16.57
CA ASP B 256 8.69 21.66 17.02
C ASP B 256 8.23 20.74 15.90
N TYR B 257 8.07 21.30 14.70
CA TYR B 257 7.67 20.48 13.55
C TYR B 257 8.73 19.43 13.24
N ALA B 258 10.01 19.81 13.27
CA ALA B 258 11.07 18.87 12.93
C ALA B 258 11.12 17.72 13.93
N ALA B 259 11.07 18.04 15.22
CA ALA B 259 11.08 16.99 16.25
C ALA B 259 9.90 16.03 16.06
N THR B 260 8.70 16.57 15.87
CA THR B 260 7.52 15.73 15.68
C THR B 260 7.66 14.85 14.44
N LEU B 261 8.22 15.41 13.36
CA LEU B 261 8.37 14.65 12.12
C LEU B 261 9.38 13.52 12.28
N HIS B 262 10.53 13.83 12.89
CA HIS B 262 11.57 12.82 13.07
CA HIS B 262 11.58 12.84 13.09
C HIS B 262 11.09 11.69 13.97
N ASP B 263 10.35 12.00 15.03
CA ASP B 263 9.84 10.97 15.92
C ASP B 263 8.86 10.05 15.22
N TRP B 264 7.98 10.62 14.39
CA TRP B 264 7.02 9.78 13.68
C TRP B 264 7.67 9.00 12.55
N LEU B 265 8.70 9.56 11.91
CA LEU B 265 9.37 8.87 10.82
C LEU B 265 10.08 7.60 11.29
N GLY B 266 10.77 7.66 12.44
CA GLY B 266 11.49 6.51 12.95
C GLY B 266 12.83 6.25 12.25
N GLU B 267 13.42 5.09 12.58
CA GLU B 267 14.72 4.68 12.08
C GLU B 267 14.58 3.88 10.79
N ALA B 268 15.60 3.97 9.94
CA ALA B 268 15.61 3.23 8.67
C ALA B 268 15.67 1.72 8.90
N THR B 269 16.19 1.28 10.04
CA THR B 269 16.32 -0.15 10.30
C THR B 269 15.09 -0.78 10.92
N ASP B 270 14.02 -0.01 11.11
CA ASP B 270 12.81 -0.52 11.76
C ASP B 270 11.79 -0.87 10.70
N PRO B 271 11.50 -2.14 10.45
CA PRO B 271 10.61 -2.51 9.33
C PRO B 271 9.22 -1.92 9.44
N ALA B 272 8.74 -1.64 10.65
CA ALA B 272 7.41 -1.06 10.81
C ALA B 272 7.41 0.46 10.74
N SER B 273 8.57 1.10 10.69
CA SER B 273 8.62 2.56 10.69
C SER B 273 8.06 3.11 9.39
N PRO B 274 7.40 4.29 9.45
CA PRO B 274 7.00 4.95 8.21
C PRO B 274 8.16 5.19 7.26
N LEU B 275 9.34 5.51 7.79
CA LEU B 275 10.49 5.78 6.93
C LEU B 275 10.86 4.56 6.09
N ARG B 276 10.98 3.38 6.72
CA ARG B 276 11.39 2.19 5.97
C ARG B 276 10.29 1.74 5.02
N ARG B 277 9.05 1.81 5.47
CA ARG B 277 7.93 1.47 4.59
C ARG B 277 7.88 2.39 3.37
N GLN B 278 8.13 3.69 3.55
CA GLN B 278 8.08 4.57 2.39
C GLN B 278 9.32 4.38 1.51
N LEU B 279 10.47 4.13 2.14
CA LEU B 279 11.68 3.87 1.35
C LEU B 279 11.54 2.60 0.53
N ASP B 280 10.88 1.58 1.09
CA ASP B 280 10.67 0.34 0.34
C ASP B 280 9.75 0.57 -0.85
N TYR B 281 8.73 1.41 -0.68
CA TYR B 281 7.90 1.79 -1.82
C TYR B 281 8.74 2.41 -2.91
N TRP B 282 9.58 3.39 -2.55
CA TRP B 282 10.34 4.13 -3.55
C TRP B 282 11.41 3.26 -4.21
N GLN B 283 12.00 2.32 -3.47
CA GLN B 283 13.00 1.43 -4.07
C GLN B 283 12.39 0.62 -5.20
N HIS B 284 11.14 0.19 -5.05
CA HIS B 284 10.46 -0.57 -6.09
C HIS B 284 9.94 0.35 -7.20
N ALA B 285 9.40 1.52 -6.82
CA ALA B 285 8.84 2.43 -7.80
C ALA B 285 9.91 3.01 -8.72
N LEU B 286 11.16 3.06 -8.27
CA LEU B 286 12.24 3.67 -9.04
C LEU B 286 13.22 2.64 -9.60
N GLN B 287 12.82 1.36 -9.71
CA GLN B 287 13.70 0.37 -10.31
C GLN B 287 13.90 0.64 -11.79
N ASP B 288 15.11 0.37 -12.26
CA ASP B 288 15.48 0.54 -13.66
C ASP B 288 15.22 1.96 -14.13
N LEU B 289 15.41 2.92 -13.24
CA LEU B 289 15.24 4.32 -13.59
C LEU B 289 16.32 4.74 -14.59
N PRO B 290 15.97 5.56 -15.58
CA PRO B 290 17.02 6.14 -16.44
C PRO B 290 17.97 7.00 -15.62
N ASP B 291 19.26 6.92 -15.97
CA ASP B 291 20.24 7.80 -15.33
C ASP B 291 19.91 9.26 -15.60
N GLU B 292 19.53 9.56 -16.84
CA GLU B 292 19.20 10.90 -17.28
C GLU B 292 18.40 10.76 -18.57
N LEU B 293 17.61 11.77 -18.88
CA LEU B 293 16.76 11.73 -20.08
C LEU B 293 17.52 12.25 -21.28
N ASP B 294 17.15 11.73 -22.45
CA ASP B 294 17.75 12.10 -23.73
C ASP B 294 17.15 13.44 -24.15
N LEU B 295 17.71 14.53 -23.59
CA LEU B 295 17.20 15.85 -23.92
C LEU B 295 18.07 16.54 -24.96
N PRO B 296 17.48 17.42 -25.78
CA PRO B 296 18.27 18.21 -26.74
C PRO B 296 18.95 19.41 -26.10
N THR B 297 20.24 19.29 -25.82
CA THR B 297 21.00 20.37 -25.24
C THR B 297 21.85 21.08 -26.30
N ASP B 298 22.25 22.31 -26.00
CA ASP B 298 23.16 23.04 -26.87
C ASP B 298 24.62 22.68 -26.61
N ARG B 299 24.94 22.25 -25.39
CA ARG B 299 26.30 21.86 -25.03
C ARG B 299 26.24 20.58 -24.21
N PRO B 300 27.32 19.81 -24.18
CA PRO B 300 27.33 18.62 -23.33
C PRO B 300 27.44 19.00 -21.86
N ARG B 301 27.08 18.05 -21.02
CA ARG B 301 27.20 18.22 -19.58
C ARG B 301 28.66 18.44 -19.19
N PRO B 302 28.99 19.55 -18.55
CA PRO B 302 30.39 19.80 -18.17
C PRO B 302 30.83 18.88 -17.02
N ALA B 303 32.14 18.87 -16.78
CA ALA B 303 32.66 18.05 -15.68
C ALA B 303 32.23 18.58 -14.32
N THR B 304 32.10 19.90 -14.18
CA THR B 304 31.61 20.51 -12.95
C THR B 304 30.49 21.47 -13.31
N ALA B 305 29.39 21.40 -12.55
CA ALA B 305 28.26 22.27 -12.77
C ALA B 305 28.55 23.67 -12.23
N SER B 306 28.18 24.68 -13.01
CA SER B 306 28.33 26.07 -12.59
C SER B 306 27.09 26.61 -11.89
N HIS B 307 25.95 25.95 -12.04
CA HIS B 307 24.66 26.42 -11.51
C HIS B 307 24.28 27.80 -12.03
N ARG B 308 24.93 28.25 -13.10
CA ARG B 308 24.48 29.43 -13.82
C ARG B 308 23.17 29.12 -14.54
N GLY B 309 22.30 30.12 -14.62
CA GLY B 309 21.01 29.85 -15.24
C GLY B 309 20.33 31.12 -15.70
N GLY B 310 19.31 30.92 -16.52
CA GLY B 310 18.46 32.01 -16.94
C GLY B 310 17.02 31.66 -16.69
N LEU B 311 16.10 32.53 -17.09
CA LEU B 311 14.69 32.31 -16.84
C LEU B 311 13.91 32.77 -18.07
N ALA B 312 13.15 31.87 -18.67
CA ALA B 312 12.29 32.18 -19.80
C ALA B 312 10.84 32.03 -19.37
N ARG B 313 10.04 33.08 -19.57
CA ARG B 313 8.63 33.07 -19.21
C ARG B 313 7.75 32.97 -20.45
N ALA B 314 6.66 32.20 -20.33
CA ALA B 314 5.59 32.20 -21.32
C ALA B 314 4.34 32.77 -20.66
N GLU B 315 3.84 33.87 -21.21
CA GLU B 315 2.58 34.43 -20.74
C GLU B 315 1.43 33.51 -21.13
N LEU B 316 0.44 33.43 -20.26
CA LEU B 316 -0.74 32.60 -20.49
C LEU B 316 -1.97 33.49 -20.55
N PRO B 317 -2.67 33.56 -21.68
CA PRO B 317 -3.90 34.35 -21.74
C PRO B 317 -4.89 33.91 -20.68
N PRO B 318 -5.60 34.85 -20.07
CA PRO B 318 -6.62 34.49 -19.06
C PRO B 318 -7.61 33.44 -19.51
N GLU B 319 -7.94 33.39 -20.80
CA GLU B 319 -8.86 32.38 -21.30
C GLU B 319 -8.22 31.01 -21.44
N LEU B 320 -6.90 30.94 -21.61
CA LEU B 320 -6.22 29.65 -21.55
C LEU B 320 -6.12 29.16 -20.11
N VAL B 321 -5.90 30.08 -19.15
CA VAL B 321 -5.87 29.72 -17.75
C VAL B 321 -7.21 29.14 -17.30
N GLU B 322 -8.32 29.73 -17.79
CA GLU B 322 -9.64 29.18 -17.46
C GLU B 322 -9.87 27.84 -18.16
N ALA B 323 -9.43 27.71 -19.41
CA ALA B 323 -9.54 26.41 -20.08
C ALA B 323 -8.78 25.34 -19.32
N VAL B 324 -7.58 25.66 -18.83
CA VAL B 324 -6.79 24.66 -18.11
C VAL B 324 -7.51 24.27 -16.82
N ARG B 325 -8.07 25.24 -16.11
CA ARG B 325 -8.83 24.95 -14.91
C ARG B 325 -10.05 24.07 -15.21
N ARG B 326 -10.78 24.42 -16.26
CA ARG B 326 -11.94 23.61 -16.65
C ARG B 326 -11.51 22.20 -17.00
N LEU B 327 -10.44 22.07 -17.80
CA LEU B 327 -9.94 20.74 -18.17
C LEU B 327 -9.60 19.92 -16.94
N ALA B 328 -8.93 20.54 -15.96
CA ALA B 328 -8.63 19.83 -14.72
C ALA B 328 -9.91 19.41 -14.00
N ALA B 329 -10.86 20.34 -13.89
CA ALA B 329 -12.10 20.06 -13.15
C ALA B 329 -12.92 18.98 -13.85
N GLN B 330 -13.00 19.01 -15.18
CA GLN B 330 -13.81 18.03 -15.89
C GLN B 330 -13.19 16.63 -15.81
N HIS B 331 -11.87 16.54 -15.66
CA HIS B 331 -11.21 15.24 -15.56
C HIS B 331 -10.86 14.85 -14.14
N GLY B 332 -11.25 15.65 -13.15
CA GLY B 332 -11.00 15.32 -11.75
C GLY B 332 -9.55 15.29 -11.36
N VAL B 333 -8.75 16.23 -11.87
CA VAL B 333 -7.34 16.35 -11.50
C VAL B 333 -7.06 17.80 -11.12
N THR B 334 -5.87 18.03 -10.59
CA THR B 334 -5.44 19.38 -10.25
C THR B 334 -4.81 20.06 -11.46
N VAL B 335 -4.71 21.39 -11.38
CA VAL B 335 -4.00 22.13 -12.43
C VAL B 335 -2.56 21.64 -12.54
N PHE B 336 -1.90 21.40 -11.40
CA PHE B 336 -0.54 20.89 -11.42
C PHE B 336 -0.44 19.60 -12.23
N MET B 337 -1.42 18.70 -12.09
CA MET B 337 -1.36 17.43 -12.81
C MET B 337 -1.45 17.66 -14.32
N VAL B 338 -2.23 18.66 -14.73
CA VAL B 338 -2.31 18.98 -16.15
C VAL B 338 -0.96 19.48 -16.65
N VAL B 339 -0.31 20.37 -15.90
CA VAL B 339 0.98 20.90 -16.32
C VAL B 339 2.03 19.80 -16.34
N GLN B 340 1.99 18.92 -15.34
CA GLN B 340 2.92 17.79 -15.29
C GLN B 340 2.75 16.89 -16.51
N ALA B 341 1.50 16.58 -16.87
CA ALA B 341 1.25 15.77 -18.05
C ALA B 341 1.77 16.45 -19.32
N ALA B 342 1.54 17.76 -19.44
CA ALA B 342 2.02 18.49 -20.61
C ALA B 342 3.55 18.51 -20.70
N VAL B 343 4.23 18.65 -19.55
CA VAL B 343 5.69 18.59 -19.57
C VAL B 343 6.17 17.21 -19.98
N ALA B 344 5.51 16.15 -19.49
CA ALA B 344 5.86 14.80 -19.92
C ALA B 344 5.68 14.65 -21.43
N VAL B 345 4.58 15.18 -21.97
CA VAL B 345 4.35 15.09 -23.41
C VAL B 345 5.45 15.84 -24.16
N LEU B 346 5.81 17.03 -23.67
CA LEU B 346 6.83 17.82 -24.35
C LEU B 346 8.16 17.08 -24.42
N LEU B 347 8.62 16.55 -23.29
CA LEU B 347 9.88 15.79 -23.29
C LEU B 347 9.75 14.54 -24.15
N HIS B 348 8.56 13.91 -24.13
CA HIS B 348 8.30 12.75 -24.96
C HIS B 348 8.46 13.07 -26.44
N ARG B 349 7.89 14.20 -26.88
CA ARG B 349 7.97 14.56 -28.29
C ARG B 349 9.39 14.92 -28.71
N LEU B 350 10.20 15.41 -27.77
CA LEU B 350 11.59 15.75 -28.06
C LEU B 350 12.51 14.54 -28.06
N GLY B 351 12.01 13.34 -27.79
CA GLY B 351 12.78 12.13 -27.89
C GLY B 351 13.24 11.47 -26.58
N ALA B 352 12.65 11.81 -25.44
CA ALA B 352 13.13 11.30 -24.16
C ALA B 352 12.67 9.88 -23.86
N GLY B 353 11.78 9.32 -24.67
CA GLY B 353 11.29 7.97 -24.45
C GLY B 353 9.91 7.95 -23.80
N ASP B 354 9.55 6.78 -23.30
CA ASP B 354 8.25 6.56 -22.69
C ASP B 354 8.28 6.62 -21.16
N ASP B 355 9.46 6.67 -20.55
CA ASP B 355 9.66 6.60 -19.11
C ASP B 355 10.18 7.96 -18.65
N ILE B 356 9.28 8.80 -18.12
CA ILE B 356 9.62 10.19 -17.85
C ILE B 356 9.61 10.48 -16.35
N PRO B 357 10.78 10.51 -15.69
CA PRO B 357 10.81 10.91 -14.28
C PRO B 357 10.89 12.43 -14.14
N LEU B 358 9.93 13.01 -13.42
CA LEU B 358 9.88 14.45 -13.18
C LEU B 358 9.92 14.69 -11.68
N GLY B 359 10.90 15.47 -11.23
CA GLY B 359 10.93 15.88 -9.85
C GLY B 359 9.85 16.90 -9.55
N SER B 360 9.33 16.86 -8.32
CA SER B 360 8.34 17.83 -7.96
C SER B 360 8.33 18.03 -6.45
N PRO B 361 8.19 19.26 -5.96
CA PRO B 361 8.10 19.49 -4.52
C PRO B 361 6.69 19.30 -4.00
N VAL B 362 6.59 18.74 -2.80
CA VAL B 362 5.31 18.57 -2.12
C VAL B 362 5.41 19.20 -0.73
N ALA B 363 4.40 19.96 -0.35
CA ALA B 363 4.40 20.69 0.91
C ALA B 363 3.85 19.83 2.03
N ASP B 364 4.60 19.74 3.12
CA ASP B 364 4.19 19.00 4.31
C ASP B 364 3.59 19.95 5.34
N ARG B 365 2.49 20.61 4.94
CA ARG B 365 1.88 21.69 5.73
C ARG B 365 0.43 21.39 6.09
N ALA B 366 0.07 20.11 6.21
CA ALA B 366 -1.31 19.78 6.56
C ALA B 366 -1.64 20.09 8.01
N ASP B 367 -0.66 20.00 8.92
CA ASP B 367 -0.93 20.29 10.32
C ASP B 367 -1.30 21.76 10.51
N GLU B 368 -2.36 22.00 11.28
CA GLU B 368 -2.84 23.38 11.47
C GLU B 368 -1.79 24.27 12.15
N ALA B 369 -0.87 23.67 12.91
CA ALA B 369 0.16 24.46 13.58
C ALA B 369 1.23 24.98 12.61
N VAL B 370 1.33 24.43 11.41
CA VAL B 370 2.35 24.82 10.45
C VAL B 370 1.76 25.19 9.08
N HIS B 371 0.45 25.07 8.91
CA HIS B 371 -0.18 25.31 7.61
C HIS B 371 0.13 26.70 7.05
N ASP B 372 0.36 27.69 7.93
CA ASP B 372 0.52 29.08 7.51
C ASP B 372 1.76 29.73 8.13
N THR B 373 2.83 28.96 8.35
CA THR B 373 4.00 29.48 9.08
C THR B 373 5.25 29.49 8.20
N VAL B 374 6.33 30.09 8.74
CA VAL B 374 7.58 30.29 8.01
C VAL B 374 8.51 29.11 8.23
N GLY B 375 8.97 28.51 7.13
CA GLY B 375 9.87 27.38 7.21
C GLY B 375 9.95 26.69 5.87
N PHE B 376 10.81 25.68 5.82
CA PHE B 376 10.97 24.85 4.62
C PHE B 376 10.25 23.53 4.84
N PHE B 377 9.12 23.35 4.16
CA PHE B 377 8.29 22.18 4.36
C PHE B 377 8.16 21.35 3.10
N LEU B 378 9.15 21.43 2.20
CA LEU B 378 9.03 20.86 0.86
C LEU B 378 9.91 19.62 0.75
N ASN B 379 9.28 18.47 0.57
CA ASN B 379 10.02 17.28 0.19
C ASN B 379 10.01 17.18 -1.33
N THR B 380 11.02 16.53 -1.87
CA THR B 380 11.12 16.33 -3.31
C THR B 380 10.74 14.90 -3.65
N LEU B 381 9.79 14.73 -4.57
CA LEU B 381 9.34 13.42 -5.02
C LEU B 381 9.67 13.22 -6.49
N VAL B 382 9.95 11.97 -6.87
CA VAL B 382 10.14 11.59 -8.26
C VAL B 382 8.81 11.04 -8.77
N LEU B 383 8.16 11.77 -9.66
CA LEU B 383 6.90 11.33 -10.26
C LEU B 383 7.23 10.70 -11.61
N ARG B 384 7.17 9.37 -11.65
CA ARG B 384 7.59 8.60 -12.82
C ARG B 384 6.36 8.33 -13.68
N VAL B 385 6.26 9.04 -14.81
CA VAL B 385 5.10 8.95 -15.68
C VAL B 385 5.47 8.12 -16.90
N ASN B 386 4.61 7.15 -17.23
CA ASN B 386 4.82 6.28 -18.37
C ASN B 386 3.89 6.68 -19.50
N LEU B 387 4.46 6.88 -20.69
CA LEU B 387 3.70 7.34 -21.85
C LEU B 387 3.55 6.26 -22.92
N SER B 388 3.87 5.01 -22.59
CA SER B 388 3.82 3.95 -23.60
C SER B 388 2.36 3.59 -23.94
N GLY B 389 2.20 2.98 -25.11
CA GLY B 389 0.89 2.52 -25.53
C GLY B 389 -0.01 3.57 -26.16
N ASN B 390 0.56 4.60 -26.78
CA ASN B 390 -0.15 5.65 -27.51
C ASN B 390 -1.39 6.15 -26.76
N PRO B 391 -1.22 6.78 -25.59
CA PRO B 391 -2.38 7.26 -24.86
C PRO B 391 -2.85 8.61 -25.38
N THR B 392 -4.13 8.88 -25.16
CA THR B 392 -4.65 10.23 -25.33
C THR B 392 -4.23 11.08 -24.13
N PHE B 393 -4.39 12.40 -24.27
CA PHE B 393 -4.07 13.28 -23.15
C PHE B 393 -4.97 13.00 -21.95
N ALA B 394 -6.25 12.74 -22.20
CA ALA B 394 -7.14 12.37 -21.10
C ALA B 394 -6.70 11.07 -20.45
N ASP B 395 -6.26 10.09 -21.25
CA ASP B 395 -5.68 8.88 -20.70
C ASP B 395 -4.49 9.21 -19.82
N LEU B 396 -3.61 10.09 -20.30
CA LEU B 396 -2.42 10.45 -19.53
C LEU B 396 -2.79 11.14 -18.24
N LEU B 397 -3.83 11.98 -18.27
CA LEU B 397 -4.30 12.61 -17.03
C LEU B 397 -4.71 11.56 -16.00
N ASP B 398 -5.35 10.47 -16.43
CA ASP B 398 -5.67 9.39 -15.51
CA ASP B 398 -5.67 9.40 -15.51
C ASP B 398 -4.40 8.72 -14.99
N ARG B 399 -3.41 8.52 -15.86
CA ARG B 399 -2.16 7.89 -15.43
C ARG B 399 -1.43 8.78 -14.43
N VAL B 400 -1.39 10.09 -14.69
CA VAL B 400 -0.69 11.01 -13.81
C VAL B 400 -1.36 11.06 -12.44
N ARG B 401 -2.70 11.07 -12.41
CA ARG B 401 -3.37 11.06 -11.12
C ARG B 401 -3.03 9.82 -10.33
N ALA B 402 -2.98 8.66 -10.99
CA ALA B 402 -2.63 7.42 -10.29
C ALA B 402 -1.21 7.47 -9.76
N VAL B 403 -0.27 7.93 -10.59
CA VAL B 403 1.13 8.02 -10.16
C VAL B 403 1.26 8.99 -9.00
N ASP B 404 0.64 10.16 -9.11
CA ASP B 404 0.77 11.17 -8.06
C ASP B 404 0.11 10.72 -6.77
N LEU B 405 -1.08 10.11 -6.86
CA LEU B 405 -1.76 9.68 -5.64
C LEU B 405 -0.97 8.59 -4.91
N GLU B 406 -0.37 7.64 -5.63
CA GLU B 406 0.55 6.69 -4.98
C GLU B 406 1.71 7.41 -4.33
N ALA B 407 2.30 8.37 -5.04
CA ALA B 407 3.47 9.08 -4.54
C ALA B 407 3.13 9.91 -3.31
N PHE B 408 1.99 10.60 -3.33
CA PHE B 408 1.63 11.47 -2.21
C PHE B 408 1.41 10.67 -0.93
N ALA B 409 1.05 9.38 -1.05
CA ALA B 409 0.89 8.56 0.13
C ALA B 409 2.22 8.12 0.73
N ARG B 410 3.34 8.39 0.06
CA ARG B 410 4.67 8.13 0.59
C ARG B 410 5.54 9.37 0.47
N ALA B 411 5.00 10.52 0.86
CA ALA B 411 5.64 11.81 0.63
C ALA B 411 6.58 12.23 1.77
N ASP B 412 6.74 11.42 2.81
CA ASP B 412 7.56 11.81 3.96
C ASP B 412 8.97 11.26 3.93
N ALA B 413 9.23 10.22 3.16
CA ALA B 413 10.58 9.70 3.04
C ALA B 413 11.50 10.77 2.44
N PRO B 414 12.53 11.21 3.17
CA PRO B 414 13.39 12.28 2.67
C PRO B 414 14.02 11.92 1.33
N PHE B 415 14.11 12.91 0.45
CA PHE B 415 14.63 12.65 -0.88
C PHE B 415 16.06 12.11 -0.83
N ASP B 416 16.88 12.63 0.10
CA ASP B 416 18.25 12.12 0.16
C ASP B 416 18.30 10.67 0.59
N ALA B 417 17.39 10.27 1.49
CA ALA B 417 17.27 8.85 1.83
C ALA B 417 16.83 8.02 0.63
N VAL B 418 15.92 8.56 -0.18
CA VAL B 418 15.49 7.86 -1.40
C VAL B 418 16.65 7.69 -2.36
N VAL B 419 17.48 8.73 -2.50
CA VAL B 419 18.65 8.64 -3.36
C VAL B 419 19.59 7.55 -2.84
N ASP B 420 19.77 7.49 -1.51
CA ASP B 420 20.66 6.47 -0.93
C ASP B 420 20.08 5.06 -1.10
N THR B 421 18.76 4.92 -0.99
CA THR B 421 18.13 3.62 -1.16
C THR B 421 18.20 3.16 -2.61
N VAL B 422 18.01 4.07 -3.58
CA VAL B 422 18.00 3.68 -4.98
C VAL B 422 19.41 3.48 -5.52
N LYS B 423 20.39 4.23 -5.00
CA LYS B 423 21.80 4.12 -5.37
C LYS B 423 22.06 4.31 -6.86
N PRO B 424 21.69 5.44 -7.44
CA PRO B 424 21.93 5.64 -8.87
C PRO B 424 23.39 5.98 -9.14
N PRO B 425 23.86 5.81 -10.37
CA PRO B 425 25.19 6.35 -10.72
C PRO B 425 25.19 7.85 -10.52
N ARG B 426 26.31 8.39 -10.05
CA ARG B 426 26.35 9.80 -9.73
C ARG B 426 27.42 10.55 -10.52
N ALA B 427 27.23 11.86 -10.55
CA ALA B 427 28.08 12.81 -11.23
C ALA B 427 27.75 14.20 -10.68
N VAL B 428 28.76 14.98 -10.29
CA VAL B 428 28.49 16.26 -9.65
C VAL B 428 27.85 17.27 -10.58
N SER B 429 27.80 17.00 -11.88
CA SER B 429 27.17 17.91 -12.83
C SER B 429 25.76 17.48 -13.19
N ARG B 430 25.24 16.44 -12.53
CA ARG B 430 23.92 15.90 -12.84
C ARG B 430 23.17 15.65 -11.54
N HIS B 431 21.98 16.22 -11.42
CA HIS B 431 21.16 15.93 -10.26
C HIS B 431 20.64 14.49 -10.34
N PRO B 432 20.67 13.75 -9.23
CA PRO B 432 20.30 12.33 -9.26
C PRO B 432 18.80 12.12 -9.37
N LEU B 433 18.43 11.03 -10.07
CA LEU B 433 17.07 10.52 -10.23
C LEU B 433 16.19 11.36 -11.16
N PHE B 434 16.45 12.66 -11.23
CA PHE B 434 15.72 13.49 -12.19
C PHE B 434 16.56 14.74 -12.45
N GLN B 435 16.36 15.32 -13.63
CA GLN B 435 16.98 16.59 -13.98
C GLN B 435 15.98 17.64 -14.42
N THR B 436 14.71 17.29 -14.55
CA THR B 436 13.65 18.25 -14.86
C THR B 436 12.64 18.24 -13.72
N MET B 437 12.33 19.43 -13.21
CA MET B 437 11.35 19.60 -12.13
C MET B 437 10.11 20.32 -12.66
N VAL B 438 8.94 19.96 -12.14
CA VAL B 438 7.70 20.68 -12.43
CA VAL B 438 7.70 20.68 -12.43
C VAL B 438 7.03 21.03 -11.11
N SER B 439 6.54 22.26 -11.01
CA SER B 439 5.88 22.69 -9.79
C SER B 439 4.73 23.62 -10.13
N TYR B 440 3.79 23.72 -9.20
CA TYR B 440 2.71 24.68 -9.25
C TYR B 440 2.85 25.61 -8.06
N GLN B 441 2.73 26.91 -8.30
CA GLN B 441 2.93 27.90 -7.24
C GLN B 441 1.85 28.96 -7.32
N ARG B 442 1.39 29.41 -6.16
CA ARG B 442 0.39 30.46 -6.04
C ARG B 442 0.96 31.57 -5.17
N ARG B 443 1.01 32.78 -5.70
CA ARG B 443 1.55 33.91 -4.94
C ARG B 443 0.49 34.46 -3.99
N PRO B 444 0.91 35.15 -2.94
CA PRO B 444 -0.08 35.66 -1.97
C PRO B 444 -1.00 36.69 -2.60
N SER B 445 -2.25 36.68 -2.15
CA SER B 445 -3.24 37.69 -2.46
C SER B 445 -3.38 38.65 -1.28
N ASP B 446 -4.07 39.76 -1.54
CA ASP B 446 -4.26 40.82 -0.55
C ASP B 446 -2.92 41.25 0.05
N VAL B 447 -1.97 41.52 -0.83
CA VAL B 447 -0.70 42.12 -0.44
C VAL B 447 -0.52 43.41 -1.24
N ASP B 448 -1.64 44.07 -1.54
CA ASP B 448 -1.62 45.30 -2.33
C ASP B 448 -1.60 46.57 -1.49
N ARG B 449 -1.77 46.46 -0.18
CA ARG B 449 -1.81 47.63 0.72
C ARG B 449 -0.85 47.48 1.89
N LEU B 450 0.33 46.90 1.67
CA LEU B 450 1.26 46.65 2.76
C LEU B 450 1.96 47.95 3.20
N PHE B 451 2.33 47.98 4.49
CA PHE B 451 3.08 49.07 5.08
C PHE B 451 2.38 50.43 4.96
N GLY B 452 1.06 50.41 4.84
CA GLY B 452 0.33 51.66 4.67
C GLY B 452 0.58 52.35 3.34
N ALA B 453 1.04 51.61 2.33
CA ALA B 453 1.27 52.17 1.00
C ALA B 453 0.60 51.30 -0.06
N ALA B 454 0.88 51.56 -1.33
CA ALA B 454 0.43 50.71 -2.42
C ALA B 454 1.57 49.78 -2.81
N THR B 455 1.29 48.47 -2.82
CA THR B 455 2.33 47.47 -2.98
C THR B 455 1.93 46.44 -4.02
N ARG B 456 2.96 45.80 -4.59
CA ARG B 456 2.75 44.72 -5.55
C ARG B 456 4.03 43.90 -5.63
N LEU B 457 3.87 42.59 -5.74
CA LEU B 457 5.03 41.72 -5.87
C LEU B 457 5.70 41.91 -7.22
N VAL B 458 7.02 41.74 -7.25
CA VAL B 458 7.76 41.77 -8.51
C VAL B 458 8.56 40.49 -8.61
N GLU B 459 8.46 39.81 -9.76
CA GLU B 459 9.21 38.58 -9.94
C GLU B 459 10.67 38.92 -10.18
N VAL B 460 11.54 38.02 -9.75
CA VAL B 460 12.99 38.23 -9.79
C VAL B 460 13.58 37.36 -10.89
N PRO B 461 14.39 37.93 -11.80
CA PRO B 461 14.94 37.13 -12.90
C PRO B 461 16.23 36.40 -12.54
N LEU B 462 16.14 35.11 -12.23
CA LEU B 462 17.25 34.39 -11.64
C LEU B 462 18.45 34.26 -12.58
N ASP B 463 19.64 34.31 -11.98
CA ASP B 463 20.91 34.08 -12.66
C ASP B 463 21.44 32.68 -12.41
N THR B 464 20.68 31.83 -11.72
CA THR B 464 21.12 30.52 -11.28
C THR B 464 20.08 29.49 -11.68
N ALA B 465 20.47 28.22 -11.61
CA ALA B 465 19.55 27.11 -11.86
C ALA B 465 19.94 25.94 -10.99
N LYS B 466 18.94 25.19 -10.52
CA LYS B 466 19.16 24.04 -9.65
C LYS B 466 19.35 22.74 -10.42
N PHE B 467 18.66 22.58 -11.54
CA PHE B 467 18.63 21.31 -12.26
C PHE B 467 19.01 21.58 -13.72
N ASP B 468 18.67 20.65 -14.61
CA ASP B 468 18.74 20.93 -16.03
C ASP B 468 17.64 21.90 -16.43
N LEU B 469 16.40 21.58 -16.04
CA LEU B 469 15.22 22.36 -16.38
C LEU B 469 14.26 22.36 -15.19
N GLU B 470 13.65 23.51 -14.88
CA GLU B 470 12.56 23.57 -13.91
C GLU B 470 11.42 24.38 -14.50
N PHE B 471 10.27 23.72 -14.67
CA PHE B 471 9.06 24.37 -15.17
C PHE B 471 8.19 24.72 -13.96
N ALA B 472 7.71 25.95 -13.91
CA ALA B 472 6.83 26.36 -12.83
C ALA B 472 5.59 27.04 -13.42
N PHE B 473 4.41 26.53 -13.07
CA PHE B 473 3.15 27.20 -13.34
C PHE B 473 2.87 28.10 -12.13
N ILE B 474 2.89 29.41 -12.33
CA ILE B 474 2.86 30.37 -11.22
C ILE B 474 1.62 31.25 -11.38
N GLU B 475 0.70 31.13 -10.44
CA GLU B 475 -0.46 32.00 -10.37
C GLU B 475 -0.13 33.23 -9.53
N ASP B 476 -0.55 34.41 -10.00
CA ASP B 476 -0.08 35.66 -9.41
C ASP B 476 -0.82 36.08 -8.15
N GLY B 477 -1.99 35.50 -7.85
CA GLY B 477 -2.72 35.87 -6.66
C GLY B 477 -4.08 36.48 -6.93
N GLY B 480 -4.73 35.41 -12.95
CA GLY B 480 -3.52 35.61 -13.74
C GLY B 480 -2.48 34.54 -13.51
N ALA B 481 -1.81 34.10 -14.58
CA ALA B 481 -0.83 33.03 -14.46
C ALA B 481 0.17 33.10 -15.60
N HIS B 482 1.33 32.50 -15.38
CA HIS B 482 2.35 32.38 -16.41
C HIS B 482 3.19 31.15 -16.10
N ILE B 483 4.02 30.76 -17.08
CA ILE B 483 4.94 29.65 -16.92
C ILE B 483 6.36 30.20 -16.94
N ALA B 484 7.17 29.75 -15.99
CA ALA B 484 8.57 30.12 -15.92
C ALA B 484 9.42 28.88 -16.08
N LEU B 485 10.37 28.93 -17.01
CA LEU B 485 11.34 27.86 -17.21
C LEU B 485 12.69 28.35 -16.70
N ASN B 486 13.18 27.72 -15.63
CA ASN B 486 14.49 28.00 -15.07
C ASN B 486 15.46 26.94 -15.60
N TYR B 487 16.41 27.36 -16.43
CA TYR B 487 17.24 26.42 -17.17
C TYR B 487 18.71 26.60 -16.83
N ALA B 488 19.46 25.50 -16.90
CA ALA B 488 20.91 25.52 -16.71
C ALA B 488 21.59 26.11 -17.93
N ALA B 489 22.24 27.27 -17.75
CA ALA B 489 22.98 27.91 -18.84
C ALA B 489 24.12 27.06 -19.37
N ASP B 490 24.69 26.17 -18.55
CA ASP B 490 25.72 25.26 -19.05
C ASP B 490 25.23 24.44 -20.23
N LEU B 491 23.93 24.11 -20.24
CA LEU B 491 23.35 23.19 -21.22
C LEU B 491 22.54 23.87 -22.31
N PHE B 492 21.86 24.98 -22.00
CA PHE B 492 20.88 25.57 -22.92
C PHE B 492 21.19 27.03 -23.17
N ASP B 493 21.15 27.43 -24.43
CA ASP B 493 21.09 28.84 -24.78
C ASP B 493 19.73 29.41 -24.39
N HIS B 494 19.68 30.72 -24.19
CA HIS B 494 18.42 31.34 -23.79
C HIS B 494 17.32 31.15 -24.83
N ASP B 495 17.66 31.23 -26.12
CA ASP B 495 16.61 31.11 -27.13
C ASP B 495 16.09 29.67 -27.21
N SER B 496 16.90 28.68 -26.86
CA SER B 496 16.39 27.32 -26.76
C SER B 496 15.36 27.21 -25.64
N ALA B 497 15.63 27.86 -24.50
CA ALA B 497 14.70 27.83 -23.39
C ALA B 497 13.42 28.58 -23.72
N GLU B 498 13.55 29.75 -24.35
CA GLU B 498 12.39 30.48 -24.88
C GLU B 498 11.54 29.58 -25.76
N GLN B 499 12.20 28.80 -26.64
CA GLN B 499 11.48 27.87 -27.50
C GLN B 499 10.81 26.76 -26.71
N LEU B 500 11.49 26.25 -25.68
CA LEU B 500 10.94 25.13 -24.91
C LEU B 500 9.68 25.55 -24.17
N VAL B 501 9.70 26.74 -23.56
CA VAL B 501 8.55 27.16 -22.78
C VAL B 501 7.38 27.53 -23.70
N ALA B 502 7.67 28.05 -24.89
CA ALA B 502 6.61 28.29 -25.86
C ALA B 502 5.98 26.98 -26.32
N ARG B 503 6.80 25.93 -26.47
CA ARG B 503 6.25 24.66 -26.92
C ARG B 503 5.39 23.99 -25.85
N LEU B 504 5.71 24.23 -24.57
CA LEU B 504 4.84 23.74 -23.49
C LEU B 504 3.48 24.42 -23.54
N ARG B 505 3.46 25.73 -23.78
CA ARG B 505 2.18 26.43 -23.92
CA ARG B 505 2.19 26.43 -23.94
C ARG B 505 1.36 25.84 -25.06
N THR B 506 2.01 25.46 -26.16
CA THR B 506 1.29 24.86 -27.28
C THR B 506 0.67 23.52 -26.89
N VAL B 507 1.40 22.72 -26.08
CA VAL B 507 0.85 21.44 -25.63
C VAL B 507 -0.40 21.66 -24.80
N LEU B 508 -0.37 22.66 -23.91
CA LEU B 508 -1.54 22.97 -23.10
C LEU B 508 -2.71 23.44 -23.95
N GLU B 509 -2.45 24.30 -24.95
CA GLU B 509 -3.53 24.78 -25.80
C GLU B 509 -4.18 23.63 -26.55
N HIS B 510 -3.39 22.70 -27.05
CA HIS B 510 -3.93 21.53 -27.75
C HIS B 510 -4.68 20.62 -26.80
N ALA B 511 -4.19 20.47 -25.56
CA ALA B 511 -4.85 19.57 -24.61
C ALA B 511 -6.22 20.08 -24.23
N CYS B 512 -6.35 21.39 -24.01
CA CYS B 512 -7.65 21.95 -23.68
C CYS B 512 -8.61 21.84 -24.86
N ALA B 513 -8.09 22.02 -26.08
CA ALA B 513 -8.95 21.97 -27.26
C ALA B 513 -9.50 20.57 -27.48
N ASP B 514 -8.63 19.56 -27.45
CA ASP B 514 -9.05 18.18 -27.72
C ASP B 514 -8.19 17.24 -26.90
N PRO B 515 -8.59 16.93 -25.68
CA PRO B 515 -7.79 16.02 -24.85
C PRO B 515 -7.88 14.58 -25.31
N CYS B 516 -8.54 14.34 -26.43
CA CYS B 516 -8.74 13.00 -26.96
C CYS B 516 -7.76 12.64 -28.08
N ARG B 517 -6.91 13.58 -28.51
CA ARG B 517 -5.85 13.17 -29.44
C ARG B 517 -4.74 12.44 -28.68
N PRO B 518 -4.17 11.40 -29.28
CA PRO B 518 -2.97 10.77 -28.70
C PRO B 518 -1.86 11.80 -28.47
N VAL B 519 -1.03 11.52 -27.47
CA VAL B 519 0.09 12.39 -27.13
C VAL B 519 1.27 12.25 -28.09
N ALA B 520 1.20 11.31 -29.03
CA ALA B 520 2.29 11.04 -29.97
C ALA B 520 2.82 12.30 -30.67
#